data_2HEP
#
_entry.id   2HEP
#
_entity_poly.entity_id   1
_entity_poly.type   'polypeptide(L)'
_entity_poly.pdbx_seq_one_letter_code
;MISNAKIARINELAAKAKAGVITEEEKAEQQKLRQEYLKGFRSSMKNTLKSVKIIDPEGNDVTPEKLKREQRNNKLHLEH
HHHHH
;
_entity_poly.pdbx_strand_id   A
#
# COMPACT_ATOMS: atom_id res chain seq x y z
N MET A 1 8.72 -11.71 -3.19
CA MET A 1 9.89 -11.51 -4.09
C MET A 1 9.74 -10.18 -4.84
N ILE A 2 8.54 -9.61 -4.78
CA ILE A 2 8.28 -8.33 -5.45
C ILE A 2 8.95 -7.19 -4.70
N SER A 3 9.34 -6.15 -5.43
CA SER A 3 9.99 -4.99 -4.84
C SER A 3 10.12 -3.86 -5.86
N ASN A 4 9.30 -3.91 -6.91
CA ASN A 4 9.33 -2.89 -7.95
C ASN A 4 8.60 -1.62 -7.49
N ALA A 5 8.14 -0.82 -8.45
CA ALA A 5 7.43 0.42 -8.14
C ALA A 5 6.22 0.17 -7.25
N LYS A 6 5.86 -1.10 -7.09
CA LYS A 6 4.72 -1.46 -6.25
C LYS A 6 5.02 -1.15 -4.78
N ILE A 7 6.08 -1.78 -4.26
CA ILE A 7 6.47 -1.57 -2.87
C ILE A 7 6.70 -0.09 -2.61
N ALA A 8 7.42 0.56 -3.52
CA ALA A 8 7.72 1.98 -3.38
C ALA A 8 6.43 2.80 -3.34
N ARG A 9 5.52 2.52 -4.26
CA ARG A 9 4.24 3.24 -4.32
C ARG A 9 3.46 3.06 -3.02
N ILE A 10 3.31 1.81 -2.59
CA ILE A 10 2.58 1.50 -1.37
C ILE A 10 3.09 2.33 -0.20
N ASN A 11 4.40 2.26 0.05
CA ASN A 11 4.99 3.01 1.16
C ASN A 11 4.76 4.50 0.98
N GLU A 12 4.88 4.98 -0.25
CA GLU A 12 4.69 6.40 -0.54
C GLU A 12 3.26 6.83 -0.17
N LEU A 13 2.27 6.21 -0.79
CA LEU A 13 0.88 6.54 -0.52
C LEU A 13 0.53 6.33 0.95
N ALA A 14 0.94 5.18 1.49
CA ALA A 14 0.67 4.87 2.89
C ALA A 14 1.19 5.97 3.81
N ALA A 15 2.49 6.24 3.71
CA ALA A 15 3.11 7.27 4.54
C ALA A 15 2.49 8.64 4.31
N LYS A 16 2.15 8.93 3.06
CA LYS A 16 1.53 10.21 2.71
C LYS A 16 0.18 10.34 3.39
N ALA A 17 -0.74 9.45 3.04
CA ALA A 17 -2.07 9.46 3.63
C ALA A 17 -1.97 9.32 5.14
N LYS A 18 -0.89 8.70 5.61
CA LYS A 18 -0.69 8.51 7.05
C LYS A 18 -0.31 9.82 7.71
N ALA A 19 0.78 10.42 7.25
CA ALA A 19 1.26 11.68 7.81
C ALA A 19 0.37 12.84 7.37
N GLY A 20 -0.66 12.53 6.56
CA GLY A 20 -1.57 13.55 6.08
C GLY A 20 -2.87 13.55 6.88
N VAL A 21 -3.73 12.58 6.60
CA VAL A 21 -5.01 12.46 7.31
C VAL A 21 -5.52 11.03 7.24
N ILE A 22 -5.33 10.40 6.08
CA ILE A 22 -5.78 9.01 5.87
C ILE A 22 -7.30 8.95 5.80
N THR A 23 -7.82 8.26 4.79
CA THR A 23 -9.26 8.13 4.61
C THR A 23 -9.64 6.68 4.36
N GLU A 24 -10.86 6.31 4.75
CA GLU A 24 -11.34 4.95 4.57
C GLU A 24 -11.12 4.50 3.12
N GLU A 25 -11.40 5.40 2.18
CA GLU A 25 -11.22 5.09 0.76
C GLU A 25 -9.77 4.73 0.46
N GLU A 26 -8.86 5.61 0.86
CA GLU A 26 -7.43 5.37 0.64
C GLU A 26 -6.98 4.12 1.39
N LYS A 27 -7.29 4.06 2.68
CA LYS A 27 -6.91 2.92 3.50
C LYS A 27 -7.39 1.60 2.88
N ALA A 28 -8.60 1.63 2.30
CA ALA A 28 -9.15 0.44 1.67
C ALA A 28 -8.27 -0.02 0.51
N GLU A 29 -7.81 0.93 -0.30
CA GLU A 29 -6.95 0.62 -1.44
C GLU A 29 -5.69 -0.10 -0.97
N GLN A 30 -4.91 0.55 -0.11
CA GLN A 30 -3.68 -0.04 0.42
C GLN A 30 -3.94 -1.45 0.96
N GLN A 31 -5.17 -1.68 1.44
CA GLN A 31 -5.54 -2.97 2.00
C GLN A 31 -5.34 -4.09 0.98
N LYS A 32 -6.03 -3.99 -0.15
CA LYS A 32 -5.91 -5.01 -1.19
C LYS A 32 -4.48 -5.14 -1.68
N LEU A 33 -3.81 -3.99 -1.83
CA LEU A 33 -2.42 -3.99 -2.29
C LEU A 33 -1.53 -4.83 -1.38
N ARG A 34 -1.50 -4.47 -0.09
CA ARG A 34 -0.69 -5.18 0.88
C ARG A 34 -1.20 -6.61 1.08
N GLN A 35 -2.52 -6.75 1.15
CA GLN A 35 -3.13 -8.06 1.35
C GLN A 35 -2.77 -9.00 0.19
N GLU A 36 -2.75 -8.44 -1.03
CA GLU A 36 -2.42 -9.23 -2.20
C GLU A 36 -0.98 -9.72 -2.12
N TYR A 37 -0.05 -8.77 -1.93
CA TYR A 37 1.37 -9.11 -1.84
C TYR A 37 1.59 -10.19 -0.78
N LEU A 38 0.97 -10.00 0.39
CA LEU A 38 1.11 -10.95 1.48
C LEU A 38 0.63 -12.34 1.05
N LYS A 39 -0.44 -12.37 0.26
CA LYS A 39 -1.00 -13.63 -0.22
C LYS A 39 -0.04 -14.37 -1.14
N GLY A 40 0.78 -13.62 -1.88
CA GLY A 40 1.74 -14.22 -2.81
C GLY A 40 3.14 -14.27 -2.21
N PHE A 41 3.44 -13.31 -1.33
CA PHE A 41 4.74 -13.20 -0.66
C PHE A 41 5.83 -13.98 -1.43
N ARG A 42 6.26 -15.11 -0.89
CA ARG A 42 7.28 -15.93 -1.54
C ARG A 42 6.65 -16.92 -2.51
N MET A 1 9.35 -11.33 -7.51
CA MET A 1 7.99 -11.40 -8.11
C MET A 1 7.59 -10.01 -8.61
N ILE A 2 7.29 -9.12 -7.67
CA ILE A 2 6.90 -7.76 -8.02
C ILE A 2 8.00 -6.77 -7.66
N SER A 3 8.21 -6.56 -6.36
CA SER A 3 9.23 -5.64 -5.88
C SER A 3 9.20 -4.33 -6.67
N ASN A 4 10.28 -4.07 -7.43
CA ASN A 4 10.38 -2.86 -8.24
C ASN A 4 9.90 -1.62 -7.49
N ALA A 5 9.56 -0.57 -8.25
CA ALA A 5 9.10 0.69 -7.67
C ALA A 5 7.79 0.51 -6.90
N LYS A 6 7.22 -0.69 -6.97
CA LYS A 6 5.97 -0.97 -6.27
C LYS A 6 6.18 -0.89 -4.76
N ILE A 7 7.32 -1.38 -4.30
CA ILE A 7 7.63 -1.34 -2.87
C ILE A 7 7.57 0.09 -2.36
N ALA A 8 8.33 0.98 -3.02
CA ALA A 8 8.37 2.37 -2.64
C ALA A 8 6.97 2.98 -2.76
N ARG A 9 6.21 2.56 -3.76
CA ARG A 9 4.86 3.06 -3.98
C ARG A 9 4.00 2.79 -2.75
N ILE A 10 4.00 1.55 -2.29
CA ILE A 10 3.21 1.15 -1.12
C ILE A 10 3.50 2.07 0.06
N ASN A 11 4.77 2.11 0.49
CA ASN A 11 5.16 2.95 1.62
C ASN A 11 4.90 4.43 1.32
N GLU A 12 5.17 4.83 0.09
CA GLU A 12 4.98 6.23 -0.31
C GLU A 12 3.52 6.66 -0.12
N LEU A 13 2.60 5.91 -0.72
CA LEU A 13 1.18 6.22 -0.62
C LEU A 13 0.75 6.31 0.84
N ALA A 14 1.18 5.32 1.63
CA ALA A 14 0.83 5.29 3.05
C ALA A 14 1.24 6.59 3.74
N ALA A 15 2.54 6.92 3.64
CA ALA A 15 3.07 8.14 4.26
C ALA A 15 2.42 9.38 3.68
N LYS A 16 2.12 9.36 2.38
CA LYS A 16 1.50 10.50 1.72
C LYS A 16 0.14 10.79 2.37
N ALA A 17 -0.77 9.84 2.22
CA ALA A 17 -2.10 9.98 2.80
C ALA A 17 -2.02 10.16 4.31
N LYS A 18 -0.89 9.75 4.89
CA LYS A 18 -0.70 9.88 6.33
C LYS A 18 -0.67 11.36 6.72
N ALA A 19 0.35 12.07 6.25
CA ALA A 19 0.48 13.49 6.55
C ALA A 19 -0.54 14.30 5.75
N GLY A 20 -1.31 13.62 4.91
CA GLY A 20 -2.32 14.28 4.10
C GLY A 20 -3.69 14.25 4.78
N VAL A 21 -4.33 13.08 4.75
CA VAL A 21 -5.64 12.92 5.37
C VAL A 21 -5.86 11.48 5.81
N ILE A 22 -5.89 10.58 4.84
CA ILE A 22 -6.10 9.15 5.11
C ILE A 22 -7.54 8.91 5.58
N THR A 23 -8.09 7.76 5.22
CA THR A 23 -9.45 7.41 5.60
C THR A 23 -9.75 5.96 5.24
N GLU A 24 -10.88 5.46 5.73
CA GLU A 24 -11.29 4.08 5.45
C GLU A 24 -11.18 3.78 3.96
N GLU A 25 -11.50 4.79 3.14
CA GLU A 25 -11.44 4.64 1.69
C GLU A 25 -10.02 4.28 1.24
N GLU A 26 -9.07 5.13 1.61
CA GLU A 26 -7.67 4.91 1.24
C GLU A 26 -7.14 3.65 1.91
N LYS A 27 -7.32 3.56 3.23
CA LYS A 27 -6.85 2.42 4.00
C LYS A 27 -7.34 1.11 3.37
N ALA A 28 -8.61 1.10 2.95
CA ALA A 28 -9.18 -0.10 2.33
C ALA A 28 -8.40 -0.44 1.07
N GLU A 29 -8.12 0.58 0.26
CA GLU A 29 -7.37 0.38 -0.98
C GLU A 29 -6.02 -0.27 -0.68
N GLN A 30 -5.23 0.39 0.17
CA GLN A 30 -3.91 -0.11 0.54
C GLN A 30 -3.99 -1.58 0.98
N GLN A 31 -5.03 -1.90 1.77
CA GLN A 31 -5.21 -3.25 2.25
C GLN A 31 -5.33 -4.23 1.08
N LYS A 32 -6.06 -3.83 0.05
CA LYS A 32 -6.24 -4.68 -1.12
C LYS A 32 -4.90 -5.00 -1.77
N LEU A 33 -4.12 -3.95 -2.03
CA LEU A 33 -2.79 -4.13 -2.64
C LEU A 33 -1.95 -5.08 -1.79
N ARG A 34 -1.86 -4.77 -0.49
CA ARG A 34 -1.09 -5.59 0.44
C ARG A 34 -1.64 -7.00 0.47
N GLN A 35 -2.97 -7.12 0.48
CA GLN A 35 -3.61 -8.43 0.49
C GLN A 35 -3.19 -9.22 -0.73
N GLU A 36 -2.87 -8.51 -1.81
CA GLU A 36 -2.43 -9.15 -3.04
C GLU A 36 -1.09 -9.84 -2.82
N TYR A 37 -0.06 -9.05 -2.52
CA TYR A 37 1.27 -9.61 -2.28
C TYR A 37 1.22 -10.66 -1.18
N LEU A 38 0.64 -10.28 -0.05
CA LEU A 38 0.56 -11.15 1.11
C LEU A 38 -0.06 -12.50 0.75
N LYS A 39 -1.34 -12.49 0.36
CA LYS A 39 -2.03 -13.72 -0.01
C LYS A 39 -1.41 -14.33 -1.26
N GLY A 40 -0.57 -13.56 -1.94
CA GLY A 40 0.09 -14.03 -3.16
C GLY A 40 1.34 -14.83 -2.83
N PHE A 41 1.69 -14.88 -1.54
CA PHE A 41 2.86 -15.60 -1.09
C PHE A 41 2.74 -17.09 -1.40
N ARG A 42 3.80 -17.67 -1.96
CA ARG A 42 3.82 -19.08 -2.32
C ARG A 42 2.80 -19.37 -3.43
N MET A 1 1.82 -5.70 -9.44
CA MET A 1 2.05 -7.14 -9.09
C MET A 1 3.55 -7.39 -8.99
N ILE A 2 4.36 -6.37 -9.26
CA ILE A 2 5.81 -6.49 -9.19
C ILE A 2 6.26 -6.58 -7.74
N SER A 3 7.46 -7.14 -7.53
CA SER A 3 8.01 -7.27 -6.20
C SER A 3 9.12 -6.25 -5.97
N ASN A 4 8.99 -5.10 -6.63
CA ASN A 4 10.00 -4.04 -6.51
C ASN A 4 9.32 -2.67 -6.51
N ALA A 5 8.75 -2.29 -7.66
CA ALA A 5 8.09 -1.00 -7.78
C ALA A 5 6.90 -0.89 -6.82
N LYS A 6 6.41 -2.04 -6.37
CA LYS A 6 5.29 -2.06 -5.43
C LYS A 6 5.71 -1.49 -4.08
N ILE A 7 6.98 -1.71 -3.73
CA ILE A 7 7.51 -1.22 -2.46
C ILE A 7 7.34 0.29 -2.36
N ALA A 8 8.03 1.02 -3.25
CA ALA A 8 7.96 2.48 -3.27
C ALA A 8 6.52 2.96 -3.39
N ARG A 9 5.69 2.20 -4.11
CA ARG A 9 4.30 2.58 -4.30
C ARG A 9 3.58 2.67 -2.95
N ILE A 10 3.26 1.49 -2.38
CA ILE A 10 2.57 1.44 -1.09
C ILE A 10 3.31 2.26 -0.03
N ASN A 11 4.64 2.21 -0.06
CA ASN A 11 5.45 2.94 0.90
C ASN A 11 5.17 4.44 0.82
N GLU A 12 5.43 5.04 -0.35
CA GLU A 12 5.21 6.47 -0.53
C GLU A 12 3.75 6.82 -0.28
N LEU A 13 2.84 5.97 -0.74
CA LEU A 13 1.41 6.20 -0.56
C LEU A 13 1.08 6.28 0.93
N ALA A 14 1.58 5.32 1.70
CA ALA A 14 1.33 5.29 3.14
C ALA A 14 1.79 6.59 3.79
N ALA A 15 2.95 7.09 3.37
CA ALA A 15 3.49 8.32 3.92
C ALA A 15 2.58 9.51 3.60
N LYS A 16 1.95 9.47 2.43
CA LYS A 16 1.05 10.54 2.02
C LYS A 16 -0.11 10.65 2.99
N ALA A 17 -0.90 9.58 3.05
CA ALA A 17 -2.06 9.53 3.95
C ALA A 17 -1.61 9.68 5.39
N LYS A 18 -0.33 9.37 5.65
CA LYS A 18 0.19 9.49 7.01
C LYS A 18 0.07 10.94 7.47
N ALA A 19 0.87 11.82 6.86
CA ALA A 19 0.83 13.23 7.19
C ALA A 19 -0.33 13.92 6.47
N GLY A 20 -0.97 13.18 5.56
CA GLY A 20 -2.09 13.70 4.80
C GLY A 20 -3.42 13.22 5.35
N VAL A 21 -3.38 12.53 6.48
CA VAL A 21 -4.59 12.01 7.12
C VAL A 21 -5.24 10.94 6.25
N ILE A 22 -4.99 9.69 6.60
CA ILE A 22 -5.55 8.56 5.85
C ILE A 22 -7.08 8.64 5.83
N THR A 23 -7.67 8.22 4.71
CA THR A 23 -9.12 8.26 4.57
C THR A 23 -9.70 6.84 4.57
N GLU A 24 -10.97 6.73 4.94
CA GLU A 24 -11.64 5.43 4.97
C GLU A 24 -11.45 4.70 3.64
N GLU A 25 -11.73 5.42 2.55
CA GLU A 25 -11.59 4.86 1.21
C GLU A 25 -10.15 4.43 0.96
N GLU A 26 -9.21 5.27 1.39
CA GLU A 26 -7.79 4.97 1.22
C GLU A 26 -7.41 3.71 1.99
N LYS A 27 -7.85 3.64 3.25
CA LYS A 27 -7.55 2.49 4.10
C LYS A 27 -7.93 1.19 3.39
N ALA A 28 -9.14 1.17 2.83
CA ALA A 28 -9.62 -0.01 2.12
C ALA A 28 -8.73 -0.31 0.92
N GLU A 29 -8.27 0.74 0.26
CA GLU A 29 -7.40 0.59 -0.91
C GLU A 29 -6.14 -0.19 -0.52
N GLN A 30 -5.39 0.35 0.45
CA GLN A 30 -4.17 -0.29 0.92
C GLN A 30 -4.41 -1.76 1.26
N GLN A 31 -5.60 -2.06 1.80
CA GLN A 31 -5.95 -3.42 2.17
C GLN A 31 -5.85 -4.36 0.97
N LYS A 32 -6.48 -3.98 -0.14
CA LYS A 32 -6.46 -4.80 -1.34
C LYS A 32 -5.01 -5.01 -1.81
N LEU A 33 -4.27 -3.91 -1.94
CA LEU A 33 -2.88 -3.99 -2.39
C LEU A 33 -2.08 -4.91 -1.47
N ARG A 34 -2.35 -4.82 -0.17
CA ARG A 34 -1.64 -5.64 0.82
C ARG A 34 -2.08 -7.10 0.72
N GLN A 35 -3.35 -7.32 0.40
CA GLN A 35 -3.89 -8.67 0.28
C GLN A 35 -3.14 -9.46 -0.79
N GLU A 36 -2.98 -8.86 -1.97
CA GLU A 36 -2.27 -9.52 -3.06
C GLU A 36 -0.81 -9.72 -2.70
N TYR A 37 -0.20 -8.68 -2.11
CA TYR A 37 1.20 -8.75 -1.71
C TYR A 37 1.45 -9.96 -0.81
N LEU A 38 0.62 -10.11 0.22
CA LEU A 38 0.75 -11.22 1.15
C LEU A 38 0.67 -12.55 0.42
N LYS A 39 -0.28 -12.65 -0.51
CA LYS A 39 -0.45 -13.87 -1.29
C LYS A 39 0.77 -14.13 -2.17
N GLY A 40 1.42 -13.05 -2.59
CA GLY A 40 2.60 -13.16 -3.44
C GLY A 40 3.87 -13.29 -2.60
N PHE A 41 3.71 -13.29 -1.27
CA PHE A 41 4.86 -13.41 -0.38
C PHE A 41 5.52 -14.78 -0.50
N ARG A 42 4.90 -15.80 0.09
CA ARG A 42 5.46 -17.16 0.05
C ARG A 42 5.50 -17.70 -1.38
N MET A 1 18.10 -0.69 -0.91
CA MET A 1 16.69 -0.48 -1.33
C MET A 1 15.95 -1.81 -1.28
N ILE A 2 14.92 -1.94 -2.11
CA ILE A 2 14.13 -3.17 -2.18
C ILE A 2 13.91 -3.59 -3.62
N SER A 3 14.12 -2.65 -4.55
CA SER A 3 13.95 -2.90 -5.97
C SER A 3 12.47 -3.01 -6.32
N ASN A 4 11.72 -3.74 -5.49
CA ASN A 4 10.30 -3.92 -5.71
C ASN A 4 9.57 -2.58 -5.62
N ALA A 5 9.10 -2.09 -6.77
CA ALA A 5 8.38 -0.82 -6.83
C ALA A 5 7.09 -0.90 -6.02
N LYS A 6 6.78 -2.10 -5.53
CA LYS A 6 5.58 -2.32 -4.75
C LYS A 6 5.69 -1.62 -3.39
N ILE A 7 6.68 -2.01 -2.60
CA ILE A 7 6.89 -1.41 -1.30
C ILE A 7 7.02 0.10 -1.41
N ALA A 8 7.91 0.55 -2.31
CA ALA A 8 8.12 1.98 -2.50
C ALA A 8 6.81 2.68 -2.83
N ARG A 9 6.02 2.07 -3.70
CA ARG A 9 4.73 2.63 -4.10
C ARG A 9 3.81 2.76 -2.89
N ILE A 10 3.37 1.62 -2.37
CA ILE A 10 2.48 1.59 -1.21
C ILE A 10 3.04 2.43 -0.06
N ASN A 11 4.34 2.32 0.17
CA ASN A 11 4.98 3.08 1.25
C ASN A 11 4.78 4.57 1.05
N GLU A 12 5.10 5.05 -0.16
CA GLU A 12 4.94 6.46 -0.47
C GLU A 12 3.49 6.89 -0.28
N LEU A 13 2.57 6.08 -0.79
CA LEU A 13 1.14 6.38 -0.68
C LEU A 13 0.73 6.47 0.79
N ALA A 14 1.09 5.45 1.57
CA ALA A 14 0.74 5.41 2.99
C ALA A 14 1.19 6.68 3.71
N ALA A 15 2.48 6.97 3.64
CA ALA A 15 3.03 8.16 4.30
C ALA A 15 2.42 9.44 3.73
N LYS A 16 2.17 9.46 2.42
CA LYS A 16 1.59 10.63 1.78
C LYS A 16 0.20 10.89 2.36
N ALA A 17 -0.67 9.90 2.23
CA ALA A 17 -2.03 10.02 2.75
C ALA A 17 -1.98 10.32 4.24
N LYS A 18 -0.89 9.91 4.89
CA LYS A 18 -0.75 10.16 6.32
C LYS A 18 -0.69 11.66 6.57
N ALA A 19 0.33 12.31 6.03
CA ALA A 19 0.49 13.75 6.20
C ALA A 19 -0.54 14.50 5.35
N GLY A 20 -1.38 13.75 4.65
CA GLY A 20 -2.41 14.35 3.80
C GLY A 20 -3.77 14.34 4.51
N VAL A 21 -4.41 13.17 4.55
CA VAL A 21 -5.70 13.03 5.19
C VAL A 21 -5.94 11.57 5.61
N ILE A 22 -5.47 10.64 4.78
CA ILE A 22 -5.64 9.21 5.02
C ILE A 22 -7.03 8.88 5.56
N THR A 23 -7.91 8.46 4.65
CA THR A 23 -9.28 8.11 5.02
C THR A 23 -9.49 6.61 4.94
N GLU A 24 -10.56 6.13 5.60
CA GLU A 24 -10.87 4.70 5.59
C GLU A 24 -10.94 4.17 4.16
N GLU A 25 -11.55 4.96 3.27
CA GLU A 25 -11.69 4.57 1.87
C GLU A 25 -10.31 4.26 1.27
N GLU A 26 -9.40 5.22 1.37
CA GLU A 26 -8.05 5.03 0.84
C GLU A 26 -7.34 3.90 1.58
N LYS A 27 -7.44 3.92 2.91
CA LYS A 27 -6.81 2.89 3.74
C LYS A 27 -7.23 1.49 3.30
N ALA A 28 -8.53 1.33 3.04
CA ALA A 28 -9.05 0.04 2.61
C ALA A 28 -8.42 -0.39 1.29
N GLU A 29 -8.26 0.57 0.38
CA GLU A 29 -7.67 0.29 -0.92
C GLU A 29 -6.26 -0.29 -0.77
N GLN A 30 -5.33 0.54 -0.30
CA GLN A 30 -3.96 0.10 -0.12
C GLN A 30 -3.89 -1.20 0.69
N GLN A 31 -4.80 -1.34 1.64
CA GLN A 31 -4.83 -2.55 2.48
C GLN A 31 -5.02 -3.80 1.62
N LYS A 32 -5.85 -3.68 0.60
CA LYS A 32 -6.11 -4.81 -0.30
C LYS A 32 -4.82 -5.26 -0.98
N LEU A 33 -4.09 -4.30 -1.54
CA LEU A 33 -2.83 -4.60 -2.23
C LEU A 33 -1.88 -5.36 -1.29
N ARG A 34 -1.75 -4.85 -0.06
CA ARG A 34 -0.87 -5.47 0.93
C ARG A 34 -1.19 -6.96 1.06
N GLN A 35 -2.45 -7.26 1.37
CA GLN A 35 -2.89 -8.64 1.54
C GLN A 35 -2.76 -9.42 0.23
N GLU A 36 -3.06 -8.76 -0.88
CA GLU A 36 -3.00 -9.39 -2.19
C GLU A 36 -1.56 -9.81 -2.53
N TYR A 37 -0.61 -8.90 -2.26
CA TYR A 37 0.79 -9.16 -2.55
C TYR A 37 1.24 -10.47 -1.90
N LEU A 38 0.69 -10.77 -0.74
CA LEU A 38 1.05 -12.00 -0.02
C LEU A 38 0.78 -13.23 -0.88
N LYS A 39 -0.43 -13.31 -1.43
CA LYS A 39 -0.80 -14.44 -2.29
C LYS A 39 0.04 -14.43 -3.56
N GLY A 40 0.34 -13.22 -4.04
CA GLY A 40 1.15 -13.06 -5.25
C GLY A 40 2.63 -13.19 -4.92
N PHE A 41 2.94 -13.53 -3.68
CA PHE A 41 4.33 -13.68 -3.24
C PHE A 41 4.38 -14.25 -1.82
N ARG A 42 4.50 -15.57 -1.72
CA ARG A 42 4.55 -16.23 -0.42
C ARG A 42 5.99 -16.60 -0.05
N MET A 1 6.68 -10.19 -12.11
CA MET A 1 5.59 -9.32 -11.57
C MET A 1 6.21 -8.22 -10.71
N ILE A 2 7.24 -8.58 -9.95
CA ILE A 2 7.92 -7.62 -9.08
C ILE A 2 8.82 -6.71 -9.91
N SER A 3 8.98 -5.47 -9.44
CA SER A 3 9.81 -4.50 -10.12
C SER A 3 10.28 -3.42 -9.14
N ASN A 4 10.13 -3.70 -7.85
CA ASN A 4 10.53 -2.75 -6.82
C ASN A 4 9.65 -1.50 -6.86
N ALA A 5 8.72 -1.48 -7.81
CA ALA A 5 7.81 -0.34 -7.97
C ALA A 5 6.65 -0.44 -6.97
N LYS A 6 6.33 -1.68 -6.59
CA LYS A 6 5.25 -1.91 -5.64
C LYS A 6 5.63 -1.38 -4.26
N ILE A 7 6.85 -1.69 -3.83
CA ILE A 7 7.34 -1.23 -2.55
C ILE A 7 7.23 0.30 -2.47
N ALA A 8 7.78 0.98 -3.48
CA ALA A 8 7.76 2.43 -3.52
C ALA A 8 6.33 2.95 -3.47
N ARG A 9 5.43 2.28 -4.18
CA ARG A 9 4.03 2.69 -4.21
C ARG A 9 3.42 2.67 -2.80
N ILE A 10 3.16 1.46 -2.30
CA ILE A 10 2.58 1.30 -0.98
C ILE A 10 3.33 2.12 0.06
N ASN A 11 4.67 2.13 -0.04
CA ASN A 11 5.50 2.88 0.89
C ASN A 11 5.19 4.37 0.83
N GLU A 12 5.34 4.96 -0.36
CA GLU A 12 5.08 6.38 -0.53
C GLU A 12 3.63 6.72 -0.15
N LEU A 13 2.71 5.84 -0.52
CA LEU A 13 1.30 6.06 -0.22
C LEU A 13 1.09 6.12 1.29
N ALA A 14 1.72 5.19 2.01
CA ALA A 14 1.60 5.15 3.47
C ALA A 14 1.99 6.50 4.06
N ALA A 15 3.17 6.98 3.69
CA ALA A 15 3.66 8.26 4.19
C ALA A 15 2.74 9.39 3.72
N LYS A 16 2.18 9.25 2.53
CA LYS A 16 1.27 10.24 1.99
C LYS A 16 0.05 10.38 2.89
N ALA A 17 -0.70 9.29 3.02
CA ALA A 17 -1.89 9.27 3.86
C ALA A 17 -1.51 9.59 5.30
N LYS A 18 -0.23 9.46 5.64
CA LYS A 18 0.21 9.75 6.99
C LYS A 18 -0.02 11.24 7.25
N ALA A 19 0.75 12.07 6.56
CA ALA A 19 0.60 13.52 6.68
C ALA A 19 -0.61 13.99 5.88
N GLY A 20 -1.20 13.06 5.13
CA GLY A 20 -2.37 13.35 4.31
C GLY A 20 -3.66 12.92 4.99
N VAL A 21 -3.52 12.29 6.16
CA VAL A 21 -4.68 11.84 6.92
C VAL A 21 -5.40 10.72 6.18
N ILE A 22 -5.05 9.48 6.54
CA ILE A 22 -5.66 8.31 5.92
C ILE A 22 -7.18 8.40 5.97
N THR A 23 -7.82 8.08 4.86
CA THR A 23 -9.28 8.13 4.77
C THR A 23 -9.85 6.73 4.62
N GLU A 24 -11.08 6.54 5.04
CA GLU A 24 -11.74 5.23 4.93
C GLU A 24 -11.56 4.68 3.52
N GLU A 25 -11.70 5.58 2.53
CA GLU A 25 -11.55 5.21 1.13
C GLU A 25 -10.14 4.67 0.87
N GLU A 26 -9.14 5.43 1.31
CA GLU A 26 -7.74 5.03 1.12
C GLU A 26 -7.45 3.74 1.88
N LYS A 27 -7.87 3.69 3.14
CA LYS A 27 -7.65 2.52 3.98
C LYS A 27 -8.10 1.25 3.25
N ALA A 28 -9.28 1.31 2.64
CA ALA A 28 -9.81 0.17 1.91
C ALA A 28 -8.88 -0.20 0.75
N GLU A 29 -8.40 0.82 0.06
CA GLU A 29 -7.49 0.63 -1.07
C GLU A 29 -6.23 -0.11 -0.63
N GLN A 30 -5.53 0.45 0.34
CA GLN A 30 -4.29 -0.15 0.87
C GLN A 30 -4.48 -1.63 1.18
N GLN A 31 -5.65 -1.97 1.71
CA GLN A 31 -5.95 -3.36 2.05
C GLN A 31 -5.77 -4.28 0.84
N LYS A 32 -6.20 -3.80 -0.32
CA LYS A 32 -6.09 -4.60 -1.55
C LYS A 32 -4.62 -4.94 -1.84
N LEU A 33 -3.77 -3.91 -1.87
CA LEU A 33 -2.35 -4.11 -2.14
C LEU A 33 -1.73 -5.07 -1.14
N ARG A 34 -1.98 -4.82 0.15
CA ARG A 34 -1.45 -5.68 1.21
C ARG A 34 -1.92 -7.11 1.01
N GLN A 35 -3.18 -7.26 0.60
CA GLN A 35 -3.76 -8.59 0.37
C GLN A 35 -2.97 -9.32 -0.71
N GLU A 36 -2.60 -8.59 -1.76
CA GLU A 36 -1.84 -9.18 -2.86
C GLU A 36 -0.45 -9.59 -2.39
N TYR A 37 0.18 -8.74 -1.57
CA TYR A 37 1.51 -9.02 -1.06
C TYR A 37 1.57 -10.41 -0.42
N LEU A 38 0.67 -10.65 0.54
CA LEU A 38 0.62 -11.94 1.23
C LEU A 38 0.35 -13.06 0.21
N LYS A 39 -0.58 -12.81 -0.70
CA LYS A 39 -0.92 -13.79 -1.73
C LYS A 39 0.27 -14.02 -2.65
N GLY A 40 1.25 -13.12 -2.62
CA GLY A 40 2.44 -13.24 -3.46
C GLY A 40 3.55 -13.97 -2.71
N PHE A 41 3.44 -14.04 -1.40
CA PHE A 41 4.44 -14.72 -0.58
C PHE A 41 4.51 -16.20 -0.93
N ARG A 42 5.71 -16.69 -1.24
CA ARG A 42 5.89 -18.09 -1.59
C ARG A 42 7.08 -18.69 -0.84
N MET A 1 0.64 -8.31 -8.03
CA MET A 1 0.73 -9.09 -9.31
C MET A 1 2.01 -8.67 -10.06
N ILE A 2 2.51 -7.48 -9.76
CA ILE A 2 3.73 -6.98 -10.41
C ILE A 2 4.81 -6.68 -9.36
N SER A 3 4.40 -6.02 -8.27
CA SER A 3 5.33 -5.69 -7.19
C SER A 3 6.46 -4.79 -7.71
N ASN A 4 7.68 -5.07 -7.25
CA ASN A 4 8.85 -4.29 -7.66
C ASN A 4 8.66 -2.81 -7.33
N ALA A 5 8.38 -2.01 -8.35
CA ALA A 5 8.18 -0.57 -8.15
C ALA A 5 6.88 -0.31 -7.39
N LYS A 6 5.92 -1.23 -7.53
CA LYS A 6 4.64 -1.09 -6.85
C LYS A 6 4.81 -1.25 -5.34
N ILE A 7 5.77 -2.09 -4.94
CA ILE A 7 6.04 -2.31 -3.52
C ILE A 7 6.27 -0.98 -2.82
N ALA A 8 7.32 -0.27 -3.24
CA ALA A 8 7.67 1.02 -2.66
C ALA A 8 6.49 1.98 -2.76
N ARG A 9 5.76 1.91 -3.87
CA ARG A 9 4.61 2.78 -4.06
C ARG A 9 3.55 2.51 -3.00
N ILE A 10 3.30 1.22 -2.75
CA ILE A 10 2.30 0.82 -1.74
C ILE A 10 2.57 1.48 -0.40
N ASN A 11 3.72 1.16 0.21
CA ASN A 11 4.07 1.73 1.50
C ASN A 11 4.18 3.26 1.42
N GLU A 12 4.63 3.76 0.27
CA GLU A 12 4.77 5.20 0.08
C GLU A 12 3.41 5.88 0.23
N LEU A 13 2.39 5.31 -0.43
CA LEU A 13 1.04 5.86 -0.36
C LEU A 13 0.55 5.85 1.09
N ALA A 14 0.76 4.74 1.78
CA ALA A 14 0.35 4.62 3.17
C ALA A 14 0.90 5.78 3.98
N ALA A 15 2.21 5.98 3.90
CA ALA A 15 2.86 7.07 4.64
C ALA A 15 2.36 8.43 4.16
N LYS A 16 2.10 8.53 2.86
CA LYS A 16 1.60 9.79 2.29
C LYS A 16 0.27 10.14 2.92
N ALA A 17 -0.71 9.28 2.73
CA ALA A 17 -2.04 9.49 3.30
C ALA A 17 -1.95 9.60 4.81
N LYS A 18 -0.88 9.06 5.39
CA LYS A 18 -0.70 9.12 6.84
C LYS A 18 -0.35 10.53 7.29
N ALA A 19 0.82 11.01 6.91
CA ALA A 19 1.26 12.35 7.28
C ALA A 19 0.50 13.42 6.50
N GLY A 20 -0.30 12.98 5.53
CA GLY A 20 -1.08 13.90 4.71
C GLY A 20 -2.51 13.95 5.19
N VAL A 21 -3.26 12.91 4.86
CA VAL A 21 -4.67 12.81 5.26
C VAL A 21 -5.24 11.48 4.80
N ILE A 22 -5.34 10.52 5.72
CA ILE A 22 -5.86 9.21 5.40
C ILE A 22 -7.37 9.15 5.59
N THR A 23 -8.05 8.50 4.66
CA THR A 23 -9.51 8.38 4.72
C THR A 23 -9.92 6.95 4.39
N GLU A 24 -11.17 6.61 4.70
CA GLU A 24 -11.69 5.28 4.43
C GLU A 24 -11.38 4.86 2.99
N GLU A 25 -11.43 5.83 2.07
CA GLU A 25 -11.16 5.57 0.67
C GLU A 25 -9.74 5.03 0.48
N GLU A 26 -8.74 5.84 0.85
CA GLU A 26 -7.35 5.43 0.71
C GLU A 26 -7.04 4.24 1.61
N LYS A 27 -7.55 4.28 2.84
CA LYS A 27 -7.32 3.20 3.80
C LYS A 27 -7.75 1.86 3.21
N ALA A 28 -8.91 1.84 2.55
CA ALA A 28 -9.41 0.62 1.94
C ALA A 28 -8.47 0.16 0.83
N GLU A 29 -7.94 1.12 0.07
CA GLU A 29 -7.04 0.82 -1.02
C GLU A 29 -5.81 0.06 -0.53
N GLN A 30 -5.01 0.72 0.30
CA GLN A 30 -3.80 0.10 0.84
C GLN A 30 -4.08 -1.28 1.40
N GLN A 31 -5.24 -1.44 2.06
CA GLN A 31 -5.61 -2.73 2.63
C GLN A 31 -5.67 -3.81 1.56
N LYS A 32 -6.33 -3.49 0.44
CA LYS A 32 -6.44 -4.45 -0.66
C LYS A 32 -5.05 -4.81 -1.18
N LEU A 33 -4.32 -3.80 -1.62
CA LEU A 33 -2.96 -4.01 -2.14
C LEU A 33 -2.09 -4.74 -1.12
N ARG A 34 -2.28 -4.38 0.15
CA ARG A 34 -1.51 -5.00 1.23
C ARG A 34 -1.72 -6.51 1.25
N GLN A 35 -2.97 -6.92 1.04
CA GLN A 35 -3.31 -8.34 1.02
C GLN A 35 -2.60 -9.04 -0.12
N GLU A 36 -2.52 -8.38 -1.28
CA GLU A 36 -1.86 -8.94 -2.44
C GLU A 36 -0.36 -9.10 -2.17
N TYR A 37 0.24 -8.07 -1.56
CA TYR A 37 1.67 -8.10 -1.26
C TYR A 37 2.06 -9.37 -0.50
N LEU A 38 1.19 -9.80 0.41
CA LEU A 38 1.46 -11.00 1.20
C LEU A 38 1.68 -12.20 0.29
N LYS A 39 0.67 -12.53 -0.50
CA LYS A 39 0.76 -13.66 -1.43
C LYS A 39 1.79 -13.38 -2.51
N GLY A 40 2.20 -12.12 -2.63
CA GLY A 40 3.19 -11.73 -3.63
C GLY A 40 4.60 -11.81 -3.08
N PHE A 41 4.72 -11.91 -1.75
CA PHE A 41 6.03 -12.00 -1.11
C PHE A 41 6.75 -13.28 -1.53
N ARG A 42 6.50 -14.36 -0.79
CA ARG A 42 7.11 -15.66 -1.11
C ARG A 42 6.17 -16.48 -1.97
N MET A 1 12.21 -11.04 -4.93
CA MET A 1 12.41 -9.57 -4.84
C MET A 1 11.75 -8.89 -6.04
N ILE A 2 11.08 -7.76 -5.78
CA ILE A 2 10.41 -7.03 -6.84
C ILE A 2 11.03 -5.64 -7.00
N SER A 3 10.93 -4.83 -5.95
CA SER A 3 11.48 -3.46 -5.95
C SER A 3 11.10 -2.72 -7.23
N ASN A 4 9.95 -2.04 -7.20
CA ASN A 4 9.48 -1.28 -8.36
C ASN A 4 8.35 -0.33 -7.97
N ALA A 5 7.52 0.01 -8.95
CA ALA A 5 6.40 0.93 -8.71
C ALA A 5 5.49 0.41 -7.60
N LYS A 6 5.44 -0.92 -7.44
CA LYS A 6 4.61 -1.52 -6.41
C LYS A 6 5.15 -1.20 -5.02
N ILE A 7 6.39 -1.59 -4.76
CA ILE A 7 7.01 -1.33 -3.47
C ILE A 7 7.00 0.16 -3.15
N ALA A 8 7.50 0.97 -4.07
CA ALA A 8 7.54 2.42 -3.89
C ALA A 8 6.15 2.98 -3.64
N ARG A 9 5.14 2.39 -4.26
CA ARG A 9 3.77 2.85 -4.08
C ARG A 9 3.33 2.63 -2.63
N ILE A 10 3.52 1.41 -2.15
CA ILE A 10 3.13 1.05 -0.78
C ILE A 10 3.70 2.02 0.26
N ASN A 11 5.02 2.03 0.39
CA ASN A 11 5.67 2.90 1.37
C ASN A 11 5.33 4.37 1.14
N GLU A 12 5.42 4.81 -0.12
CA GLU A 12 5.12 6.20 -0.46
C GLU A 12 3.68 6.56 -0.09
N LEU A 13 2.72 5.87 -0.71
CA LEU A 13 1.30 6.13 -0.45
C LEU A 13 0.96 5.93 1.03
N ALA A 14 1.44 4.83 1.61
CA ALA A 14 1.18 4.53 3.00
C ALA A 14 1.61 5.69 3.91
N ALA A 15 2.91 5.99 3.90
CA ALA A 15 3.44 7.07 4.73
C ALA A 15 2.77 8.41 4.40
N LYS A 16 2.52 8.64 3.11
CA LYS A 16 1.88 9.89 2.69
C LYS A 16 0.49 10.01 3.29
N ALA A 17 -0.40 9.10 2.88
CA ALA A 17 -1.78 9.11 3.39
C ALA A 17 -1.78 8.97 4.90
N LYS A 18 -0.67 8.47 5.47
CA LYS A 18 -0.57 8.29 6.90
C LYS A 18 -0.24 9.63 7.58
N ALA A 19 0.82 10.28 7.09
CA ALA A 19 1.24 11.56 7.65
C ALA A 19 0.28 12.68 7.23
N GLY A 20 -0.72 12.34 6.41
CA GLY A 20 -1.69 13.33 5.97
C GLY A 20 -2.97 13.26 6.80
N VAL A 21 -3.80 12.25 6.52
CA VAL A 21 -5.05 12.07 7.26
C VAL A 21 -5.55 10.63 7.11
N ILE A 22 -5.52 10.13 5.88
CA ILE A 22 -5.97 8.77 5.57
C ILE A 22 -7.50 8.68 5.76
N THR A 23 -8.18 8.29 4.70
CA THR A 23 -9.64 8.16 4.74
C THR A 23 -10.06 6.76 4.35
N GLU A 24 -11.35 6.45 4.54
CA GLU A 24 -11.88 5.13 4.19
C GLU A 24 -11.49 4.75 2.77
N GLU A 25 -11.59 5.70 1.85
CA GLU A 25 -11.24 5.47 0.45
C GLU A 25 -9.78 5.06 0.32
N GLU A 26 -8.90 5.84 0.94
CA GLU A 26 -7.47 5.55 0.90
C GLU A 26 -7.16 4.24 1.62
N LYS A 27 -7.65 4.12 2.85
CA LYS A 27 -7.45 2.93 3.65
C LYS A 27 -7.91 1.68 2.90
N ALA A 28 -9.06 1.78 2.24
CA ALA A 28 -9.60 0.65 1.49
C ALA A 28 -8.63 0.23 0.38
N GLU A 29 -8.06 1.23 -0.30
CA GLU A 29 -7.11 0.96 -1.37
C GLU A 29 -5.95 0.11 -0.88
N GLN A 30 -5.21 0.66 0.09
CA GLN A 30 -4.06 -0.04 0.66
C GLN A 30 -4.41 -1.47 1.05
N GLN A 31 -5.64 -1.66 1.55
CA GLN A 31 -6.08 -3.00 1.96
C GLN A 31 -5.97 -4.00 0.82
N LYS A 32 -6.39 -3.60 -0.37
CA LYS A 32 -6.34 -4.48 -1.53
C LYS A 32 -4.90 -4.93 -1.81
N LEU A 33 -4.02 -3.96 -2.08
CA LEU A 33 -2.62 -4.27 -2.38
C LEU A 33 -1.97 -5.03 -1.22
N ARG A 34 -2.02 -4.43 -0.02
CA ARG A 34 -1.42 -5.06 1.16
C ARG A 34 -1.86 -6.51 1.31
N GLN A 35 -3.14 -6.76 1.06
CA GLN A 35 -3.69 -8.11 1.18
C GLN A 35 -3.00 -9.06 0.19
N GLU A 36 -2.79 -8.58 -1.03
CA GLU A 36 -2.14 -9.38 -2.06
C GLU A 36 -0.69 -9.66 -1.69
N TYR A 37 -0.03 -8.68 -1.09
CA TYR A 37 1.36 -8.83 -0.68
C TYR A 37 1.53 -10.09 0.19
N LEU A 38 0.52 -10.36 1.01
CA LEU A 38 0.56 -11.53 1.88
C LEU A 38 0.69 -12.82 1.05
N LYS A 39 0.03 -12.83 -0.11
CA LYS A 39 0.08 -13.98 -1.00
C LYS A 39 1.50 -14.18 -1.55
N GLY A 40 2.08 -13.08 -2.04
CA GLY A 40 3.43 -13.13 -2.60
C GLY A 40 4.49 -13.27 -1.50
N PHE A 41 4.04 -13.31 -0.25
CA PHE A 41 4.96 -13.43 0.88
C PHE A 41 5.73 -14.76 0.80
N ARG A 42 7.02 -14.70 1.10
CA ARG A 42 7.85 -15.90 1.06
C ARG A 42 7.65 -16.73 2.33
N MET A 1 -0.72 -2.44 -11.64
CA MET A 1 0.53 -2.99 -11.07
C MET A 1 1.67 -2.81 -12.06
N ILE A 2 2.89 -3.15 -11.62
CA ILE A 2 4.07 -3.02 -12.47
C ILE A 2 5.22 -3.87 -11.92
N SER A 3 5.07 -4.33 -10.68
CA SER A 3 6.09 -5.14 -10.04
C SER A 3 7.32 -4.29 -9.72
N ASN A 4 7.12 -2.98 -9.66
CA ASN A 4 8.21 -2.05 -9.38
C ASN A 4 7.66 -0.78 -8.74
N ALA A 5 7.12 0.12 -9.56
CA ALA A 5 6.55 1.37 -9.05
C ALA A 5 5.42 1.10 -8.07
N LYS A 6 4.88 -0.11 -8.12
CA LYS A 6 3.79 -0.50 -7.22
C LYS A 6 4.31 -0.58 -5.79
N ILE A 7 5.45 -1.26 -5.61
CA ILE A 7 6.04 -1.41 -4.30
C ILE A 7 6.28 -0.04 -3.67
N ALA A 8 6.98 0.82 -4.40
CA ALA A 8 7.28 2.17 -3.93
C ALA A 8 5.99 2.90 -3.57
N ARG A 9 4.93 2.65 -4.32
CA ARG A 9 3.64 3.30 -4.05
C ARG A 9 3.14 2.88 -2.68
N ILE A 10 3.18 1.57 -2.40
CA ILE A 10 2.71 1.04 -1.13
C ILE A 10 3.34 1.80 0.04
N ASN A 11 4.66 1.68 0.18
CA ASN A 11 5.36 2.36 1.28
C ASN A 11 5.17 3.86 1.20
N GLU A 12 5.16 4.40 -0.02
CA GLU A 12 4.97 5.84 -0.21
C GLU A 12 3.61 6.26 0.32
N LEU A 13 2.56 5.59 -0.14
CA LEU A 13 1.19 5.89 0.29
C LEU A 13 1.07 5.74 1.80
N ALA A 14 1.68 4.68 2.34
CA ALA A 14 1.63 4.43 3.78
C ALA A 14 2.14 5.66 4.54
N ALA A 15 3.33 6.13 4.17
CA ALA A 15 3.91 7.31 4.81
C ALA A 15 3.03 8.54 4.56
N LYS A 16 2.49 8.62 3.35
CA LYS A 16 1.62 9.73 2.98
C LYS A 16 0.40 9.75 3.88
N ALA A 17 -0.38 8.67 3.81
CA ALA A 17 -1.58 8.54 4.64
C ALA A 17 -1.21 8.65 6.12
N LYS A 18 0.07 8.42 6.43
CA LYS A 18 0.51 8.52 7.82
C LYS A 18 0.26 9.95 8.29
N ALA A 19 1.00 10.89 7.70
CA ALA A 19 0.83 12.30 8.03
C ALA A 19 -0.43 12.84 7.34
N GLY A 20 -1.02 11.99 6.47
CA GLY A 20 -2.23 12.37 5.74
C GLY A 20 -3.47 11.76 6.39
N VAL A 21 -3.26 11.11 7.54
CA VAL A 21 -4.34 10.47 8.29
C VAL A 21 -4.77 9.19 7.61
N ILE A 22 -5.32 9.35 6.40
CA ILE A 22 -5.82 8.25 5.56
C ILE A 22 -7.24 8.54 5.10
N THR A 23 -7.52 8.25 3.84
CA THR A 23 -8.85 8.48 3.27
C THR A 23 -9.58 7.16 3.09
N GLU A 24 -10.91 7.21 3.15
CA GLU A 24 -11.72 6.00 2.97
C GLU A 24 -11.31 5.26 1.71
N GLU A 25 -11.16 6.01 0.62
CA GLU A 25 -10.76 5.43 -0.66
C GLU A 25 -9.39 4.76 -0.55
N GLU A 26 -8.43 5.47 0.03
CA GLU A 26 -7.08 4.94 0.20
C GLU A 26 -7.07 3.72 1.11
N LYS A 27 -7.70 3.86 2.28
CA LYS A 27 -7.75 2.77 3.25
C LYS A 27 -8.22 1.48 2.58
N ALA A 28 -9.32 1.58 1.82
CA ALA A 28 -9.86 0.40 1.13
C ALA A 28 -8.84 -0.15 0.15
N GLU A 29 -8.23 0.73 -0.65
CA GLU A 29 -7.23 0.33 -1.62
C GLU A 29 -6.06 -0.38 -0.91
N GLN A 30 -5.45 0.34 0.03
CA GLN A 30 -4.32 -0.20 0.78
C GLN A 30 -4.60 -1.59 1.32
N GLN A 31 -5.86 -1.86 1.67
CA GLN A 31 -6.25 -3.16 2.21
C GLN A 31 -5.84 -4.28 1.26
N LYS A 32 -6.31 -4.19 0.02
CA LYS A 32 -6.00 -5.21 -1.00
C LYS A 32 -4.49 -5.30 -1.24
N LEU A 33 -3.88 -4.18 -1.56
CA LEU A 33 -2.44 -4.15 -1.84
C LEU A 33 -1.64 -4.74 -0.66
N ARG A 34 -2.11 -4.46 0.56
CA ARG A 34 -1.42 -4.96 1.75
C ARG A 34 -1.58 -6.47 1.89
N GLN A 35 -2.83 -6.92 2.00
CA GLN A 35 -3.11 -8.35 2.15
C GLN A 35 -2.60 -9.14 0.94
N GLU A 36 -2.61 -8.50 -0.23
CA GLU A 36 -2.15 -9.15 -1.45
C GLU A 36 -0.66 -9.46 -1.36
N TYR A 37 0.12 -8.48 -0.93
CA TYR A 37 1.57 -8.64 -0.81
C TYR A 37 1.90 -9.91 -0.01
N LEU A 38 1.11 -10.18 1.02
CA LEU A 38 1.33 -11.37 1.85
C LEU A 38 1.30 -12.62 0.99
N LYS A 39 0.16 -12.84 0.33
CA LYS A 39 0.00 -14.01 -0.53
C LYS A 39 0.93 -13.90 -1.74
N GLY A 40 1.45 -12.70 -1.97
CA GLY A 40 2.35 -12.46 -3.09
C GLY A 40 3.81 -12.67 -2.69
N PHE A 41 4.05 -12.83 -1.39
CA PHE A 41 5.40 -13.03 -0.89
C PHE A 41 6.00 -14.32 -1.46
N ARG A 42 7.10 -14.18 -2.19
CA ARG A 42 7.76 -15.33 -2.80
C ARG A 42 9.27 -15.26 -2.57
N MET A 1 13.12 -11.11 -4.81
CA MET A 1 13.30 -10.05 -3.77
C MET A 1 12.74 -8.72 -4.30
N ILE A 2 11.45 -8.49 -4.03
CA ILE A 2 10.80 -7.26 -4.48
C ILE A 2 11.17 -6.08 -3.58
N SER A 3 11.39 -4.92 -4.19
CA SER A 3 11.76 -3.72 -3.45
C SER A 3 11.79 -2.51 -4.38
N ASN A 4 10.63 -2.14 -4.91
CA ASN A 4 10.53 -1.00 -5.81
C ASN A 4 9.08 -0.65 -6.13
N ALA A 5 8.68 -0.82 -7.39
CA ALA A 5 7.32 -0.52 -7.84
C ALA A 5 6.28 -0.72 -6.73
N LYS A 6 6.21 -1.92 -6.17
CA LYS A 6 5.25 -2.24 -5.13
C LYS A 6 5.56 -1.51 -3.82
N ILE A 7 6.69 -1.87 -3.20
CA ILE A 7 7.10 -1.26 -1.93
C ILE A 7 7.12 0.26 -2.03
N ALA A 8 7.78 0.79 -3.05
CA ALA A 8 7.87 2.23 -3.24
C ALA A 8 6.50 2.87 -3.28
N ARG A 9 5.56 2.21 -3.95
CA ARG A 9 4.20 2.73 -4.05
C ARG A 9 3.58 2.87 -2.67
N ILE A 10 3.22 1.72 -2.07
CA ILE A 10 2.61 1.70 -0.74
C ILE A 10 3.40 2.57 0.23
N ASN A 11 4.71 2.60 0.06
CA ASN A 11 5.57 3.40 0.94
C ASN A 11 5.17 4.88 0.88
N GLU A 12 5.45 5.52 -0.25
CA GLU A 12 5.11 6.93 -0.43
C GLU A 12 3.61 7.16 -0.30
N LEU A 13 2.83 6.20 -0.77
CA LEU A 13 1.38 6.30 -0.72
C LEU A 13 0.89 6.47 0.72
N ALA A 14 1.10 5.44 1.54
CA ALA A 14 0.67 5.48 2.94
C ALA A 14 1.28 6.68 3.66
N ALA A 15 2.56 6.95 3.38
CA ALA A 15 3.24 8.07 4.00
C ALA A 15 2.56 9.39 3.62
N LYS A 16 2.09 9.47 2.38
CA LYS A 16 1.42 10.68 1.90
C LYS A 16 0.17 10.93 2.75
N ALA A 17 -0.78 10.00 2.67
CA ALA A 17 -2.01 10.12 3.43
C ALA A 17 -1.72 10.17 4.92
N LYS A 18 -0.55 9.67 5.32
CA LYS A 18 -0.19 9.69 6.74
C LYS A 18 -0.17 11.14 7.22
N ALA A 19 0.81 11.90 6.72
CA ALA A 19 0.93 13.31 7.09
C ALA A 19 -0.10 14.13 6.31
N GLY A 20 -0.76 13.47 5.35
CA GLY A 20 -1.77 14.12 4.52
C GLY A 20 -3.18 13.78 5.01
N VAL A 21 -3.25 13.09 6.14
CA VAL A 21 -4.54 12.70 6.72
C VAL A 21 -5.14 11.53 5.92
N ILE A 22 -4.98 10.33 6.44
CA ILE A 22 -5.49 9.13 5.78
C ILE A 22 -6.97 8.94 6.09
N THR A 23 -7.72 8.49 5.09
CA THR A 23 -9.16 8.27 5.26
C THR A 23 -9.50 6.79 5.11
N GLU A 24 -10.66 6.39 5.63
CA GLU A 24 -11.09 5.00 5.55
C GLU A 24 -11.03 4.52 4.10
N GLU A 25 -11.30 5.43 3.16
CA GLU A 25 -11.28 5.10 1.74
C GLU A 25 -9.89 4.60 1.32
N GLU A 26 -8.85 5.32 1.73
CA GLU A 26 -7.49 4.93 1.40
C GLU A 26 -7.15 3.58 2.02
N LYS A 27 -7.56 3.38 3.27
CA LYS A 27 -7.31 2.13 3.98
C LYS A 27 -7.80 0.95 3.15
N ALA A 28 -9.00 1.09 2.58
CA ALA A 28 -9.59 0.04 1.77
C ALA A 28 -8.71 -0.26 0.55
N GLU A 29 -8.27 0.81 -0.12
CA GLU A 29 -7.42 0.67 -1.30
C GLU A 29 -6.15 -0.12 -0.97
N GLN A 30 -5.34 0.44 -0.09
CA GLN A 30 -4.08 -0.20 0.31
C GLN A 30 -4.31 -1.66 0.72
N GLN A 31 -5.49 -1.96 1.25
CA GLN A 31 -5.82 -3.31 1.67
C GLN A 31 -5.69 -4.29 0.51
N LYS A 32 -6.11 -3.84 -0.67
CA LYS A 32 -6.05 -4.68 -1.87
C LYS A 32 -4.62 -5.13 -2.15
N LEU A 33 -3.75 -4.17 -2.41
CA LEU A 33 -2.34 -4.47 -2.71
C LEU A 33 -1.73 -5.31 -1.59
N ARG A 34 -2.05 -4.95 -0.34
CA ARG A 34 -1.52 -5.68 0.80
C ARG A 34 -1.98 -7.13 0.78
N GLN A 35 -3.25 -7.35 0.47
CA GLN A 35 -3.81 -8.69 0.40
C GLN A 35 -3.09 -9.53 -0.65
N GLU A 36 -2.82 -8.91 -1.80
CA GLU A 36 -2.15 -9.61 -2.89
C GLU A 36 -0.72 -9.98 -2.48
N TYR A 37 -0.04 -9.04 -1.85
CA TYR A 37 1.34 -9.28 -1.41
C TYR A 37 1.42 -10.57 -0.60
N LEU A 38 0.52 -10.71 0.37
CA LEU A 38 0.49 -11.91 1.21
C LEU A 38 0.24 -13.15 0.34
N LYS A 39 -0.69 -13.02 -0.60
CA LYS A 39 -1.01 -14.14 -1.49
C LYS A 39 0.19 -14.47 -2.37
N GLY A 40 1.12 -13.52 -2.48
CA GLY A 40 2.32 -13.72 -3.28
C GLY A 40 3.48 -14.18 -2.40
N PHE A 41 3.35 -13.95 -1.10
CA PHE A 41 4.39 -14.34 -0.14
C PHE A 41 4.54 -15.86 -0.12
N ARG A 42 5.54 -16.37 -0.85
CA ARG A 42 5.80 -17.80 -0.90
C ARG A 42 6.45 -18.27 0.39
N MET A 1 7.76 -10.47 -3.97
CA MET A 1 9.21 -10.54 -4.33
C MET A 1 9.48 -9.68 -5.56
N ILE A 2 8.83 -8.51 -5.61
CA ILE A 2 9.01 -7.59 -6.73
C ILE A 2 9.96 -6.46 -6.34
N SER A 3 9.64 -5.79 -5.23
CA SER A 3 10.46 -4.67 -4.75
C SER A 3 10.94 -3.79 -5.89
N ASN A 4 10.07 -2.91 -6.36
CA ASN A 4 10.41 -1.99 -7.45
C ASN A 4 9.55 -0.74 -7.37
N ALA A 5 9.15 -0.22 -8.53
CA ALA A 5 8.31 0.97 -8.58
C ALA A 5 6.92 0.68 -8.02
N LYS A 6 6.48 -0.56 -8.15
CA LYS A 6 5.16 -0.96 -7.66
C LYS A 6 5.12 -0.86 -6.14
N ILE A 7 6.03 -1.59 -5.48
CA ILE A 7 6.08 -1.55 -4.02
C ILE A 7 6.31 -0.12 -3.53
N ALA A 8 7.20 0.59 -4.22
CA ALA A 8 7.50 1.98 -3.86
C ALA A 8 6.21 2.81 -3.85
N ARG A 9 5.27 2.44 -4.72
CA ARG A 9 3.99 3.13 -4.78
C ARG A 9 3.19 2.89 -3.49
N ILE A 10 2.93 1.62 -3.20
CA ILE A 10 2.15 1.22 -2.02
C ILE A 10 2.72 1.80 -0.72
N ASN A 11 3.95 1.43 -0.38
CA ASN A 11 4.58 1.89 0.85
C ASN A 11 4.57 3.42 0.93
N GLU A 12 4.84 4.07 -0.20
CA GLU A 12 4.84 5.54 -0.24
C GLU A 12 3.46 6.07 0.12
N LEU A 13 2.43 5.53 -0.55
CA LEU A 13 1.06 5.95 -0.29
C LEU A 13 0.69 5.66 1.16
N ALA A 14 1.02 4.46 1.62
CA ALA A 14 0.73 4.06 3.00
C ALA A 14 1.31 5.08 3.98
N ALA A 15 2.57 5.45 3.77
CA ALA A 15 3.23 6.42 4.64
C ALA A 15 2.51 7.76 4.58
N LYS A 16 2.03 8.12 3.39
CA LYS A 16 1.31 9.38 3.20
C LYS A 16 0.04 9.38 4.03
N ALA A 17 -0.86 8.45 3.72
CA ALA A 17 -2.12 8.34 4.46
C ALA A 17 -1.87 8.07 5.93
N LYS A 18 -0.65 7.60 6.25
CA LYS A 18 -0.31 7.32 7.64
C LYS A 18 -0.14 8.63 8.41
N ALA A 19 0.92 9.36 8.08
CA ALA A 19 1.19 10.64 8.74
C ALA A 19 0.29 11.74 8.18
N GLY A 20 -0.47 11.39 7.13
CA GLY A 20 -1.37 12.35 6.50
C GLY A 20 -2.81 12.14 6.96
N VAL A 21 -3.15 10.89 7.29
CA VAL A 21 -4.50 10.54 7.73
C VAL A 21 -5.53 11.13 6.77
N ILE A 22 -5.68 10.48 5.62
CA ILE A 22 -6.63 10.93 4.60
C ILE A 22 -8.02 10.33 4.85
N THR A 23 -8.62 9.75 3.81
CA THR A 23 -9.94 9.15 3.93
C THR A 23 -9.85 7.63 3.88
N GLU A 24 -10.66 6.97 4.70
CA GLU A 24 -10.67 5.51 4.77
C GLU A 24 -10.87 4.88 3.38
N GLU A 25 -11.55 5.62 2.50
CA GLU A 25 -11.80 5.15 1.14
C GLU A 25 -10.47 4.82 0.44
N GLU A 26 -9.54 5.76 0.49
CA GLU A 26 -8.23 5.57 -0.12
C GLU A 26 -7.47 4.45 0.59
N LYS A 27 -7.45 4.51 1.91
CA LYS A 27 -6.77 3.50 2.71
C LYS A 27 -7.28 2.11 2.36
N ALA A 28 -8.60 1.98 2.21
CA ALA A 28 -9.21 0.69 1.88
C ALA A 28 -8.67 0.19 0.54
N GLU A 29 -8.50 1.10 -0.40
CA GLU A 29 -7.98 0.74 -1.73
C GLU A 29 -6.60 0.12 -1.60
N GLN A 30 -5.62 0.96 -1.25
CA GLN A 30 -4.24 0.49 -1.09
C GLN A 30 -4.14 -0.70 -0.15
N GLN A 31 -5.05 -0.76 0.83
CA GLN A 31 -5.05 -1.86 1.80
C GLN A 31 -5.16 -3.21 1.10
N LYS A 32 -5.96 -3.26 0.03
CA LYS A 32 -6.13 -4.51 -0.71
C LYS A 32 -4.78 -5.01 -1.22
N LEU A 33 -4.10 -4.16 -2.00
CA LEU A 33 -2.80 -4.51 -2.55
C LEU A 33 -1.81 -4.85 -1.44
N ARG A 34 -1.95 -4.17 -0.30
CA ARG A 34 -1.07 -4.42 0.83
C ARG A 34 -1.28 -5.83 1.39
N GLN A 35 -2.54 -6.16 1.64
CA GLN A 35 -2.89 -7.49 2.17
C GLN A 35 -2.49 -8.58 1.17
N GLU A 36 -2.59 -8.26 -0.12
CA GLU A 36 -2.24 -9.20 -1.17
C GLU A 36 -0.75 -9.51 -1.13
N TYR A 37 0.08 -8.46 -1.05
CA TYR A 37 1.52 -8.63 -1.02
C TYR A 37 1.95 -9.68 0.01
N LEU A 38 1.23 -9.72 1.13
CA LEU A 38 1.53 -10.68 2.19
C LEU A 38 1.46 -12.11 1.67
N LYS A 39 0.34 -12.46 1.03
CA LYS A 39 0.17 -13.80 0.49
C LYS A 39 1.23 -14.06 -0.59
N GLY A 40 1.67 -12.99 -1.24
CA GLY A 40 2.67 -13.09 -2.29
C GLY A 40 4.08 -13.08 -1.70
N PHE A 41 4.19 -13.09 -0.37
CA PHE A 41 5.49 -13.06 0.29
C PHE A 41 5.34 -13.25 1.80
N ARG A 42 5.55 -14.49 2.25
CA ARG A 42 5.46 -14.83 3.68
C ARG A 42 4.05 -14.56 4.21
N MET A 1 9.21 -11.69 -7.55
CA MET A 1 9.19 -11.21 -6.13
C MET A 1 8.67 -9.77 -6.09
N ILE A 2 8.53 -9.16 -7.26
CA ILE A 2 8.05 -7.78 -7.36
C ILE A 2 8.90 -6.85 -6.51
N SER A 3 9.90 -6.23 -7.14
CA SER A 3 10.80 -5.31 -6.45
C SER A 3 11.17 -4.15 -7.35
N ASN A 4 10.20 -3.26 -7.59
CA ASN A 4 10.43 -2.10 -8.45
C ASN A 4 9.78 -0.85 -7.85
N ALA A 5 9.45 0.12 -8.71
CA ALA A 5 8.84 1.36 -8.26
C ALA A 5 7.51 1.10 -7.53
N LYS A 6 7.00 -0.12 -7.66
CA LYS A 6 5.74 -0.48 -7.01
C LYS A 6 5.92 -0.50 -5.50
N ILE A 7 7.04 -1.06 -5.04
CA ILE A 7 7.33 -1.12 -3.61
C ILE A 7 7.30 0.28 -3.03
N ALA A 8 7.98 1.20 -3.72
CA ALA A 8 8.04 2.59 -3.28
C ALA A 8 6.63 3.17 -3.17
N ARG A 9 5.77 2.80 -4.11
CA ARG A 9 4.39 3.28 -4.11
C ARG A 9 3.70 2.90 -2.80
N ILE A 10 3.82 1.64 -2.41
CA ILE A 10 3.21 1.16 -1.19
C ILE A 10 3.60 2.05 -0.01
N ASN A 11 4.91 2.11 0.28
CA ASN A 11 5.40 2.93 1.39
C ASN A 11 5.10 4.41 1.16
N GLU A 12 5.20 4.87 -0.08
CA GLU A 12 4.94 6.27 -0.41
C GLU A 12 3.50 6.63 -0.07
N LEU A 13 2.56 5.92 -0.70
CA LEU A 13 1.14 6.18 -0.47
C LEU A 13 0.79 6.02 1.01
N ALA A 14 1.44 5.06 1.66
CA ALA A 14 1.20 4.81 3.08
C ALA A 14 1.42 6.09 3.89
N ALA A 15 2.66 6.59 3.88
CA ALA A 15 2.99 7.80 4.60
C ALA A 15 2.22 9.00 4.04
N LYS A 16 1.97 8.98 2.73
CA LYS A 16 1.24 10.05 2.09
C LYS A 16 -0.16 10.14 2.69
N ALA A 17 -0.90 9.05 2.59
CA ALA A 17 -2.23 8.98 3.15
C ALA A 17 -2.19 9.25 4.65
N LYS A 18 -1.02 9.03 5.26
CA LYS A 18 -0.87 9.24 6.70
C LYS A 18 -0.73 10.73 7.02
N ALA A 19 0.41 11.31 6.64
CA ALA A 19 0.67 12.72 6.91
C ALA A 19 -0.15 13.62 5.98
N GLY A 20 -0.86 13.00 5.04
CA GLY A 20 -1.68 13.75 4.09
C GLY A 20 -3.14 13.72 4.49
N VAL A 21 -3.75 12.55 4.40
CA VAL A 21 -5.15 12.38 4.76
C VAL A 21 -5.53 10.90 4.73
N ILE A 22 -5.57 10.29 5.90
CA ILE A 22 -5.92 8.87 6.00
C ILE A 22 -7.42 8.72 6.21
N THR A 23 -7.98 7.64 5.65
CA THR A 23 -9.41 7.38 5.76
C THR A 23 -9.75 6.01 5.17
N GLU A 24 -10.94 5.52 5.50
CA GLU A 24 -11.38 4.21 5.01
C GLU A 24 -11.15 4.09 3.51
N GLU A 25 -11.27 5.22 2.81
CA GLU A 25 -11.07 5.24 1.36
C GLU A 25 -9.66 4.77 1.00
N GLU A 26 -8.66 5.56 1.39
CA GLU A 26 -7.27 5.22 1.11
C GLU A 26 -6.88 3.94 1.83
N LYS A 27 -7.26 3.83 3.11
CA LYS A 27 -6.95 2.65 3.90
C LYS A 27 -7.39 1.38 3.19
N ALA A 28 -8.61 1.41 2.65
CA ALA A 28 -9.15 0.25 1.94
C ALA A 28 -8.29 -0.08 0.72
N GLU A 29 -7.86 0.95 0.01
CA GLU A 29 -7.03 0.77 -1.18
C GLU A 29 -5.77 -0.02 -0.82
N GLN A 30 -4.98 0.53 0.10
CA GLN A 30 -3.75 -0.12 0.53
C GLN A 30 -4.00 -1.57 0.92
N GLN A 31 -5.11 -1.81 1.62
CA GLN A 31 -5.47 -3.15 2.05
C GLN A 31 -5.58 -4.10 0.86
N LYS A 32 -6.12 -3.60 -0.25
CA LYS A 32 -6.28 -4.41 -1.46
C LYS A 32 -4.92 -4.90 -1.95
N LEU A 33 -4.06 -3.96 -2.31
CA LEU A 33 -2.72 -4.30 -2.78
C LEU A 33 -2.00 -5.16 -1.75
N ARG A 34 -2.17 -4.82 -0.48
CA ARG A 34 -1.55 -5.57 0.60
C ARG A 34 -2.06 -7.01 0.59
N GLN A 35 -3.35 -7.17 0.36
CA GLN A 35 -3.94 -8.51 0.31
C GLN A 35 -3.27 -9.31 -0.79
N GLU A 36 -2.83 -8.62 -1.83
CA GLU A 36 -2.15 -9.27 -2.94
C GLU A 36 -0.84 -9.90 -2.46
N TYR A 37 0.09 -9.06 -2.01
CA TYR A 37 1.37 -9.56 -1.52
C TYR A 37 1.14 -10.59 -0.41
N LEU A 38 0.47 -10.16 0.65
CA LEU A 38 0.20 -11.02 1.80
C LEU A 38 -0.46 -12.33 1.38
N LYS A 39 -1.29 -12.29 0.33
CA LYS A 39 -1.95 -13.51 -0.14
C LYS A 39 -0.86 -14.52 -0.49
N GLY A 40 0.17 -14.03 -1.17
CA GLY A 40 1.31 -14.86 -1.53
C GLY A 40 2.36 -14.79 -0.43
N PHE A 41 2.14 -13.86 0.52
CA PHE A 41 3.04 -13.65 1.65
C PHE A 41 4.10 -12.61 1.30
N ARG A 42 5.19 -12.59 2.06
CA ARG A 42 6.29 -11.64 1.83
C ARG A 42 5.80 -10.20 2.01
N MET A 1 8.85 -8.98 -9.47
CA MET A 1 7.49 -8.91 -10.04
C MET A 1 6.61 -8.02 -9.16
N ILE A 2 6.94 -7.97 -7.87
CA ILE A 2 6.18 -7.16 -6.92
C ILE A 2 7.12 -6.26 -6.13
N SER A 3 8.35 -6.72 -5.94
CA SER A 3 9.34 -5.94 -5.19
C SER A 3 10.12 -5.03 -6.15
N ASN A 4 9.64 -3.80 -6.30
CA ASN A 4 10.28 -2.83 -7.19
C ASN A 4 9.61 -1.46 -7.05
N ALA A 5 9.05 -0.95 -8.15
CA ALA A 5 8.37 0.33 -8.14
C ALA A 5 7.08 0.26 -7.33
N LYS A 6 6.57 -0.95 -7.15
CA LYS A 6 5.35 -1.15 -6.39
C LYS A 6 5.58 -0.79 -4.93
N ILE A 7 6.76 -1.13 -4.43
CA ILE A 7 7.12 -0.82 -3.05
C ILE A 7 7.02 0.68 -2.81
N ALA A 8 7.58 1.46 -3.74
CA ALA A 8 7.55 2.91 -3.64
C ALA A 8 6.11 3.40 -3.55
N ARG A 9 5.24 2.82 -4.37
CA ARG A 9 3.83 3.21 -4.37
C ARG A 9 3.22 2.97 -2.98
N ILE A 10 3.19 1.70 -2.58
CA ILE A 10 2.64 1.33 -1.28
C ILE A 10 3.27 2.17 -0.17
N ASN A 11 4.60 2.21 -0.15
CA ASN A 11 5.34 2.96 0.86
C ASN A 11 4.98 4.45 0.82
N GLU A 12 5.21 5.07 -0.33
CA GLU A 12 4.93 6.50 -0.48
C GLU A 12 3.46 6.82 -0.19
N LEU A 13 2.55 6.09 -0.83
CA LEU A 13 1.13 6.32 -0.62
C LEU A 13 0.77 6.14 0.85
N ALA A 14 1.16 5.01 1.42
CA ALA A 14 0.87 4.72 2.83
C ALA A 14 1.39 5.83 3.73
N ALA A 15 2.71 6.07 3.66
CA ALA A 15 3.34 7.09 4.48
C ALA A 15 2.76 8.48 4.19
N LYS A 16 2.41 8.71 2.93
CA LYS A 16 1.85 9.98 2.52
C LYS A 16 0.51 10.22 3.23
N ALA A 17 -0.48 9.40 2.89
CA ALA A 17 -1.79 9.50 3.50
C ALA A 17 -1.70 9.37 5.02
N LYS A 18 -0.65 8.69 5.48
CA LYS A 18 -0.46 8.49 6.92
C LYS A 18 0.15 9.75 7.55
N ALA A 19 1.02 10.42 6.80
CA ALA A 19 1.67 11.63 7.30
C ALA A 19 0.71 12.82 7.29
N GLY A 20 -0.33 12.75 6.44
CA GLY A 20 -1.30 13.84 6.35
C GLY A 20 -2.57 13.52 7.13
N VAL A 21 -3.42 12.66 6.56
CA VAL A 21 -4.67 12.27 7.19
C VAL A 21 -5.24 11.04 6.50
N ILE A 22 -4.82 9.86 6.95
CA ILE A 22 -5.30 8.61 6.36
C ILE A 22 -6.79 8.41 6.70
N THR A 23 -7.44 7.49 5.98
CA THR A 23 -8.84 7.21 6.22
C THR A 23 -9.25 5.92 5.53
N GLU A 24 -10.42 5.39 5.92
CA GLU A 24 -10.93 4.15 5.36
C GLU A 24 -10.89 4.19 3.83
N GLU A 25 -11.05 5.40 3.28
CA GLU A 25 -11.03 5.57 1.81
C GLU A 25 -9.70 5.06 1.24
N GLU A 26 -8.61 5.70 1.67
CA GLU A 26 -7.28 5.31 1.20
C GLU A 26 -6.99 3.86 1.62
N LYS A 27 -7.31 3.55 2.88
CA LYS A 27 -7.08 2.20 3.40
C LYS A 27 -7.79 1.16 2.53
N ALA A 28 -9.00 1.50 2.06
CA ALA A 28 -9.77 0.59 1.23
C ALA A 28 -9.01 0.25 -0.06
N GLU A 29 -8.48 1.28 -0.71
CA GLU A 29 -7.73 1.08 -1.95
C GLU A 29 -6.56 0.14 -1.71
N GLN A 30 -5.60 0.59 -0.88
CA GLN A 30 -4.41 -0.20 -0.57
C GLN A 30 -4.78 -1.61 -0.11
N GLN A 31 -6.02 -1.78 0.36
CA GLN A 31 -6.46 -3.09 0.84
C GLN A 31 -6.22 -4.17 -0.20
N LYS A 32 -6.52 -3.86 -1.46
CA LYS A 32 -6.33 -4.83 -2.54
C LYS A 32 -4.86 -5.24 -2.64
N LEU A 33 -3.99 -4.29 -2.96
CA LEU A 33 -2.56 -4.57 -3.08
C LEU A 33 -2.02 -5.19 -1.80
N ARG A 34 -2.46 -4.66 -0.66
CA ARG A 34 -2.01 -5.16 0.64
C ARG A 34 -2.46 -6.61 0.85
N GLN A 35 -3.69 -6.92 0.42
CA GLN A 35 -4.22 -8.27 0.57
C GLN A 35 -3.33 -9.27 -0.15
N GLU A 36 -3.09 -9.01 -1.44
CA GLU A 36 -2.25 -9.88 -2.24
C GLU A 36 -0.81 -9.88 -1.73
N TYR A 37 -0.33 -8.70 -1.34
CA TYR A 37 1.04 -8.56 -0.85
C TYR A 37 1.27 -9.52 0.32
N LEU A 38 0.40 -9.45 1.33
CA LEU A 38 0.52 -10.33 2.50
C LEU A 38 0.46 -11.80 2.11
N LYS A 39 -0.24 -12.08 1.02
CA LYS A 39 -0.38 -13.46 0.54
C LYS A 39 0.98 -14.00 0.09
N GLY A 40 1.54 -13.40 -0.95
CA GLY A 40 2.82 -13.83 -1.49
C GLY A 40 3.99 -13.26 -0.68
N PHE A 41 3.66 -12.37 0.27
CA PHE A 41 4.68 -11.73 1.13
C PHE A 41 6.05 -11.77 0.48
N ARG A 42 6.20 -11.07 -0.65
CA ARG A 42 7.45 -11.03 -1.38
C ARG A 42 7.76 -12.41 -1.96
N MET A 1 15.09 -9.30 -4.34
CA MET A 1 13.72 -9.87 -4.44
C MET A 1 12.70 -8.74 -4.54
N ILE A 2 12.43 -8.10 -3.40
CA ILE A 2 11.47 -6.99 -3.36
C ILE A 2 12.23 -5.66 -3.39
N SER A 3 11.87 -4.74 -2.49
CA SER A 3 12.53 -3.43 -2.43
C SER A 3 12.37 -2.68 -3.75
N ASN A 4 11.62 -3.28 -4.68
CA ASN A 4 11.39 -2.66 -5.99
C ASN A 4 10.36 -1.55 -5.88
N ALA A 5 9.85 -1.11 -7.04
CA ALA A 5 8.85 -0.04 -7.08
C ALA A 5 7.64 -0.38 -6.21
N LYS A 6 7.55 -1.63 -5.77
CA LYS A 6 6.43 -2.05 -4.93
C LYS A 6 6.50 -1.36 -3.57
N ILE A 7 7.63 -1.52 -2.89
CA ILE A 7 7.82 -0.89 -1.58
C ILE A 7 7.64 0.62 -1.68
N ALA A 8 8.33 1.22 -2.66
CA ALA A 8 8.24 2.66 -2.86
C ALA A 8 6.80 3.11 -3.04
N ARG A 9 6.02 2.29 -3.75
CA ARG A 9 4.62 2.60 -4.00
C ARG A 9 3.84 2.71 -2.69
N ILE A 10 3.55 1.56 -2.09
CA ILE A 10 2.81 1.50 -0.84
C ILE A 10 3.43 2.41 0.22
N ASN A 11 4.75 2.48 0.23
CA ASN A 11 5.46 3.31 1.20
C ASN A 11 5.02 4.76 1.08
N GLU A 12 5.31 5.36 -0.08
CA GLU A 12 4.95 6.75 -0.32
C GLU A 12 3.43 6.94 -0.21
N LEU A 13 2.67 5.91 -0.55
CA LEU A 13 1.22 5.99 -0.48
C LEU A 13 0.76 6.28 0.95
N ALA A 14 1.09 5.36 1.86
CA ALA A 14 0.71 5.52 3.26
C ALA A 14 1.18 6.87 3.79
N ALA A 15 2.45 7.19 3.55
CA ALA A 15 3.04 8.45 4.01
C ALA A 15 2.32 9.65 3.41
N LYS A 16 2.02 9.56 2.12
CA LYS A 16 1.33 10.66 1.42
C LYS A 16 -0.05 10.86 2.02
N ALA A 17 -0.87 9.82 1.97
CA ALA A 17 -2.22 9.88 2.51
C ALA A 17 -2.17 10.26 3.98
N LYS A 18 -1.03 9.98 4.63
CA LYS A 18 -0.88 10.31 6.05
C LYS A 18 -0.54 11.78 6.25
N ALA A 19 0.40 12.28 5.45
CA ALA A 19 0.82 13.67 5.55
C ALA A 19 -0.21 14.63 4.96
N GLY A 20 -1.15 14.09 4.18
CA GLY A 20 -2.17 14.93 3.57
C GLY A 20 -3.48 14.85 4.33
N VAL A 21 -4.21 13.75 4.12
CA VAL A 21 -5.49 13.52 4.79
C VAL A 21 -6.00 12.12 4.44
N ILE A 22 -5.61 11.13 5.24
CA ILE A 22 -6.02 9.76 4.99
C ILE A 22 -7.52 9.57 5.24
N THR A 23 -8.07 8.50 4.67
CA THR A 23 -9.50 8.21 4.83
C THR A 23 -9.73 6.70 4.86
N GLU A 24 -10.81 6.29 5.53
CA GLU A 24 -11.15 4.87 5.61
C GLU A 24 -11.13 4.24 4.22
N GLU A 25 -11.50 5.02 3.22
CA GLU A 25 -11.51 4.56 1.84
C GLU A 25 -10.12 4.12 1.41
N GLU A 26 -9.15 5.02 1.54
CA GLU A 26 -7.77 4.72 1.17
C GLU A 26 -7.22 3.59 2.02
N LYS A 27 -7.54 3.62 3.31
CA LYS A 27 -7.08 2.58 4.23
C LYS A 27 -7.42 1.19 3.70
N ALA A 28 -8.66 1.05 3.22
CA ALA A 28 -9.12 -0.21 2.67
C ALA A 28 -8.29 -0.60 1.45
N GLU A 29 -8.00 0.38 0.60
CA GLU A 29 -7.21 0.14 -0.61
C GLU A 29 -5.86 -0.47 -0.26
N GLN A 30 -5.10 0.20 0.60
CA GLN A 30 -3.78 -0.30 1.00
C GLN A 30 -3.87 -1.76 1.46
N GLN A 31 -4.89 -2.05 2.26
CA GLN A 31 -5.09 -3.41 2.77
C GLN A 31 -5.26 -4.39 1.61
N LYS A 32 -6.02 -3.97 0.59
CA LYS A 32 -6.25 -4.82 -0.58
C LYS A 32 -4.94 -5.15 -1.28
N LEU A 33 -4.18 -4.11 -1.63
CA LEU A 33 -2.89 -4.30 -2.30
C LEU A 33 -1.99 -5.23 -1.50
N ARG A 34 -1.87 -4.95 -0.20
CA ARG A 34 -1.04 -5.75 0.68
C ARG A 34 -1.57 -7.19 0.75
N GLN A 35 -2.89 -7.32 0.88
CA GLN A 35 -3.52 -8.63 0.97
C GLN A 35 -3.25 -9.43 -0.31
N GLU A 36 -3.32 -8.75 -1.45
CA GLU A 36 -3.08 -9.40 -2.74
C GLU A 36 -1.64 -9.88 -2.83
N TYR A 37 -0.72 -9.03 -2.38
CA TYR A 37 0.71 -9.36 -2.41
C TYR A 37 0.98 -10.70 -1.72
N LEU A 38 0.38 -10.89 -0.54
CA LEU A 38 0.57 -12.13 0.21
C LEU A 38 0.10 -13.33 -0.61
N LYS A 39 -1.08 -13.21 -1.20
CA LYS A 39 -1.64 -14.29 -2.02
C LYS A 39 -0.77 -14.51 -3.26
N GLY A 40 -0.14 -13.44 -3.73
CA GLY A 40 0.73 -13.51 -4.90
C GLY A 40 2.15 -13.89 -4.51
N PHE A 41 2.38 -14.05 -3.21
CA PHE A 41 3.70 -14.41 -2.68
C PHE A 41 3.57 -14.86 -1.23
N ARG A 42 3.06 -16.07 -1.03
CA ARG A 42 2.89 -16.60 0.31
C ARG A 42 4.20 -17.21 0.80
N MET A 1 10.15 -8.98 -11.98
CA MET A 1 9.52 -10.02 -11.11
C MET A 1 8.58 -9.36 -10.12
N ILE A 2 9.10 -8.39 -9.37
CA ILE A 2 8.29 -7.67 -8.39
C ILE A 2 7.92 -6.29 -8.91
N SER A 3 8.56 -5.88 -10.01
CA SER A 3 8.30 -4.57 -10.62
C SER A 3 8.93 -3.45 -9.80
N ASN A 4 8.93 -3.62 -8.47
CA ASN A 4 9.50 -2.63 -7.57
C ASN A 4 8.58 -1.41 -7.45
N ALA A 5 7.81 -1.15 -8.50
CA ALA A 5 6.89 -0.02 -8.50
C ALA A 5 5.87 -0.16 -7.38
N LYS A 6 5.72 -1.39 -6.88
CA LYS A 6 4.80 -1.66 -5.79
C LYS A 6 5.29 -1.03 -4.50
N ILE A 7 6.59 -1.18 -4.24
CA ILE A 7 7.20 -0.62 -3.05
C ILE A 7 6.97 0.89 -3.00
N ALA A 8 7.41 1.57 -4.05
CA ALA A 8 7.27 3.02 -4.14
C ALA A 8 5.80 3.44 -3.99
N ARG A 9 4.90 2.61 -4.53
CA ARG A 9 3.48 2.91 -4.44
C ARG A 9 3.01 2.96 -2.99
N ILE A 10 2.87 1.80 -2.38
CA ILE A 10 2.42 1.71 -0.98
C ILE A 10 3.29 2.60 -0.08
N ASN A 11 4.58 2.69 -0.41
CA ASN A 11 5.50 3.50 0.38
C ASN A 11 5.04 4.95 0.44
N GLU A 12 4.90 5.57 -0.74
CA GLU A 12 4.46 6.96 -0.82
C GLU A 12 3.08 7.13 -0.19
N LEU A 13 2.16 6.24 -0.54
CA LEU A 13 0.80 6.30 -0.02
C LEU A 13 0.79 6.16 1.49
N ALA A 14 1.46 5.13 2.00
CA ALA A 14 1.53 4.89 3.43
C ALA A 14 2.11 6.12 4.14
N ALA A 15 3.06 6.78 3.50
CA ALA A 15 3.69 7.97 4.07
C ALA A 15 2.65 9.07 4.28
N LYS A 16 1.74 9.21 3.33
CA LYS A 16 0.69 10.22 3.42
C LYS A 16 -0.21 9.94 4.61
N ALA A 17 -0.74 8.72 4.64
CA ALA A 17 -1.60 8.29 5.73
C ALA A 17 -0.87 8.42 7.04
N LYS A 18 0.46 8.32 6.97
CA LYS A 18 1.30 8.45 8.15
C LYS A 18 1.56 9.93 8.42
N ALA A 19 1.59 10.70 7.34
CA ALA A 19 1.82 12.14 7.43
C ALA A 19 0.59 12.85 7.97
N GLY A 20 -0.43 12.99 7.12
CA GLY A 20 -1.67 13.66 7.54
C GLY A 20 -2.75 12.65 7.88
N VAL A 21 -3.37 12.10 6.83
CA VAL A 21 -4.43 11.11 6.99
C VAL A 21 -5.23 10.99 5.69
N ILE A 22 -4.89 9.99 4.88
CA ILE A 22 -5.57 9.77 3.60
C ILE A 22 -7.07 9.55 3.83
N THR A 23 -7.77 9.14 2.77
CA THR A 23 -9.21 8.91 2.86
C THR A 23 -9.50 7.43 3.12
N GLU A 24 -10.58 7.17 3.85
CA GLU A 24 -10.97 5.80 4.19
C GLU A 24 -11.06 4.96 2.92
N GLU A 25 -11.62 5.54 1.86
CA GLU A 25 -11.76 4.85 0.59
C GLU A 25 -10.38 4.41 0.08
N GLU A 26 -9.45 5.35 0.03
CA GLU A 26 -8.10 5.05 -0.42
C GLU A 26 -7.47 4.02 0.50
N LYS A 27 -7.69 4.19 1.80
CA LYS A 27 -7.14 3.25 2.78
C LYS A 27 -7.62 1.84 2.46
N ALA A 28 -8.88 1.73 2.04
CA ALA A 28 -9.47 0.44 1.70
C ALA A 28 -8.66 -0.18 0.57
N GLU A 29 -8.29 0.63 -0.41
CA GLU A 29 -7.52 0.15 -1.54
C GLU A 29 -6.21 -0.48 -1.05
N GLN A 30 -5.49 0.25 -0.20
CA GLN A 30 -4.23 -0.24 0.35
C GLN A 30 -4.40 -1.63 0.94
N GLN A 31 -5.54 -1.86 1.59
CA GLN A 31 -5.82 -3.16 2.20
C GLN A 31 -5.74 -4.27 1.15
N LYS A 32 -6.27 -4.00 -0.04
CA LYS A 32 -6.24 -4.97 -1.12
C LYS A 32 -4.80 -5.35 -1.46
N LEU A 33 -3.99 -4.34 -1.78
CA LEU A 33 -2.60 -4.56 -2.13
C LEU A 33 -1.87 -5.31 -1.01
N ARG A 34 -1.97 -4.77 0.20
CA ARG A 34 -1.32 -5.38 1.36
C ARG A 34 -1.67 -6.86 1.47
N GLN A 35 -2.97 -7.16 1.38
CA GLN A 35 -3.44 -8.54 1.48
C GLN A 35 -2.87 -9.38 0.33
N GLU A 36 -2.76 -8.78 -0.84
CA GLU A 36 -2.23 -9.48 -2.01
C GLU A 36 -0.77 -9.86 -1.80
N TYR A 37 0.00 -8.93 -1.23
CA TYR A 37 1.42 -9.16 -0.97
C TYR A 37 1.62 -10.46 -0.19
N LEU A 38 0.79 -10.67 0.84
CA LEU A 38 0.89 -11.88 1.65
C LEU A 38 0.70 -13.12 0.79
N LYS A 39 -0.23 -13.03 -0.16
CA LYS A 39 -0.50 -14.16 -1.07
C LYS A 39 0.73 -14.44 -1.93
N GLY A 40 1.54 -13.41 -2.15
CA GLY A 40 2.74 -13.54 -2.96
C GLY A 40 3.89 -14.14 -2.15
N PHE A 41 3.61 -14.55 -0.91
CA PHE A 41 4.64 -15.13 -0.04
C PHE A 41 3.98 -15.79 1.17
N ARG A 42 3.71 -17.10 1.05
CA ARG A 42 3.10 -17.87 2.13
C ARG A 42 1.85 -17.16 2.68
N MET A 1 3.36 -11.56 -5.59
CA MET A 1 4.80 -11.71 -5.91
C MET A 1 5.32 -10.43 -6.56
N ILE A 2 4.48 -9.39 -6.56
CA ILE A 2 4.87 -8.11 -7.15
C ILE A 2 5.98 -7.46 -6.33
N SER A 3 6.98 -6.91 -7.02
CA SER A 3 8.11 -6.26 -6.35
C SER A 3 8.81 -5.30 -7.29
N ASN A 4 8.16 -4.16 -7.54
CA ASN A 4 8.74 -3.14 -8.43
C ASN A 4 8.25 -1.75 -8.04
N ALA A 5 8.09 -0.88 -9.03
CA ALA A 5 7.64 0.50 -8.78
C ALA A 5 6.33 0.52 -7.99
N LYS A 6 5.63 -0.62 -7.98
CA LYS A 6 4.36 -0.71 -7.26
C LYS A 6 4.60 -0.63 -5.76
N ILE A 7 5.64 -1.31 -5.29
CA ILE A 7 5.99 -1.31 -3.87
C ILE A 7 6.18 0.13 -3.38
N ALA A 8 6.99 0.89 -4.10
CA ALA A 8 7.26 2.27 -3.72
C ALA A 8 5.96 3.09 -3.70
N ARG A 9 5.06 2.79 -4.63
CA ARG A 9 3.80 3.52 -4.70
C ARG A 9 2.99 3.31 -3.42
N ILE A 10 2.78 2.04 -3.07
CA ILE A 10 2.02 1.70 -1.87
C ILE A 10 2.59 2.37 -0.61
N ASN A 11 3.84 2.05 -0.30
CA ASN A 11 4.50 2.59 0.89
C ASN A 11 4.53 4.12 0.88
N GLU A 12 4.59 4.71 -0.32
CA GLU A 12 4.64 6.16 -0.44
C GLU A 12 3.39 6.79 0.18
N LEU A 13 2.24 6.54 -0.44
CA LEU A 13 0.98 7.09 0.05
C LEU A 13 0.67 6.60 1.46
N ALA A 14 1.20 5.43 1.82
CA ALA A 14 0.98 4.85 3.14
C ALA A 14 1.40 5.82 4.24
N ALA A 15 2.71 6.02 4.39
CA ALA A 15 3.24 6.92 5.43
C ALA A 15 2.76 8.35 5.22
N LYS A 16 2.66 8.77 3.97
CA LYS A 16 2.21 10.12 3.65
C LYS A 16 0.79 10.34 4.16
N ALA A 17 -0.14 9.54 3.62
CA ALA A 17 -1.54 9.63 4.02
C ALA A 17 -1.67 9.40 5.52
N LYS A 18 -0.64 8.79 6.12
CA LYS A 18 -0.67 8.52 7.55
C LYS A 18 -0.56 9.83 8.33
N ALA A 19 0.61 10.47 8.24
CA ALA A 19 0.83 11.74 8.93
C ALA A 19 0.14 12.88 8.19
N GLY A 20 -0.44 12.57 7.03
CA GLY A 20 -1.14 13.57 6.23
C GLY A 20 -2.64 13.48 6.44
N VAL A 21 -3.25 12.47 5.83
CA VAL A 21 -4.69 12.26 5.94
C VAL A 21 -5.08 10.94 5.30
N ILE A 22 -5.28 9.91 6.12
CA ILE A 22 -5.66 8.60 5.63
C ILE A 22 -7.18 8.51 5.46
N THR A 23 -7.61 8.30 4.21
CA THR A 23 -9.03 8.20 3.91
C THR A 23 -9.40 6.74 3.60
N GLU A 24 -10.61 6.36 4.00
CA GLU A 24 -11.09 4.99 3.77
C GLU A 24 -10.86 4.59 2.32
N GLU A 25 -10.92 5.57 1.42
CA GLU A 25 -10.71 5.32 -0.01
C GLU A 25 -9.32 4.72 -0.23
N GLU A 26 -8.28 5.50 0.04
CA GLU A 26 -6.91 5.03 -0.13
C GLU A 26 -6.62 3.90 0.84
N LYS A 27 -7.10 4.04 2.07
CA LYS A 27 -6.88 3.00 3.09
C LYS A 27 -7.35 1.65 2.55
N ALA A 28 -8.50 1.65 1.89
CA ALA A 28 -9.04 0.43 1.31
C ALA A 28 -8.10 -0.09 0.22
N GLU A 29 -7.55 0.84 -0.56
CA GLU A 29 -6.62 0.49 -1.64
C GLU A 29 -5.43 -0.29 -1.09
N GLN A 30 -4.58 0.39 -0.34
CA GLN A 30 -3.40 -0.24 0.25
C GLN A 30 -3.77 -1.54 0.96
N GLN A 31 -4.91 -1.52 1.66
CA GLN A 31 -5.38 -2.71 2.37
C GLN A 31 -5.54 -3.88 1.40
N LYS A 32 -6.12 -3.60 0.24
CA LYS A 32 -6.32 -4.62 -0.78
C LYS A 32 -4.97 -5.21 -1.22
N LEU A 33 -4.12 -4.37 -1.79
CA LEU A 33 -2.80 -4.81 -2.25
C LEU A 33 -2.02 -5.45 -1.11
N ARG A 34 -2.15 -4.86 0.08
CA ARG A 34 -1.45 -5.38 1.26
C ARG A 34 -1.83 -6.83 1.52
N GLN A 35 -3.12 -7.10 1.53
CA GLN A 35 -3.60 -8.46 1.77
C GLN A 35 -3.08 -9.42 0.71
N GLU A 36 -3.14 -8.99 -0.55
CA GLU A 36 -2.68 -9.83 -1.66
C GLU A 36 -1.17 -10.05 -1.57
N TYR A 37 -0.42 -8.96 -1.39
CA TYR A 37 1.04 -9.05 -1.30
C TYR A 37 1.46 -10.11 -0.28
N LEU A 38 0.76 -10.14 0.86
CA LEU A 38 1.07 -11.11 1.90
C LEU A 38 0.97 -12.54 1.36
N LYS A 39 -0.05 -12.79 0.54
CA LYS A 39 -0.25 -14.10 -0.06
C LYS A 39 0.90 -14.43 -1.00
N GLY A 40 1.43 -13.40 -1.65
CA GLY A 40 2.54 -13.57 -2.58
C GLY A 40 3.88 -13.32 -1.90
N PHE A 41 3.83 -13.09 -0.58
CA PHE A 41 5.05 -12.82 0.20
C PHE A 41 4.72 -12.74 1.68
N ARG A 42 4.57 -13.90 2.31
CA ARG A 42 4.26 -13.95 3.74
C ARG A 42 5.49 -13.59 4.56
N MET A 1 11.72 -8.74 -13.51
CA MET A 1 12.30 -8.53 -12.16
C MET A 1 11.54 -7.43 -11.43
N ILE A 2 11.88 -7.22 -10.16
CA ILE A 2 11.22 -6.19 -9.37
C ILE A 2 12.04 -4.90 -9.35
N SER A 3 11.52 -3.87 -9.99
CA SER A 3 12.19 -2.58 -10.04
C SER A 3 11.84 -1.76 -8.80
N ASN A 4 11.44 -2.46 -7.73
CA ASN A 4 11.08 -1.81 -6.48
C ASN A 4 9.93 -0.83 -6.69
N ALA A 5 9.17 -1.04 -7.76
CA ALA A 5 8.03 -0.18 -8.09
C ALA A 5 6.84 -0.49 -7.20
N LYS A 6 6.72 -1.76 -6.79
CA LYS A 6 5.61 -2.18 -5.94
C LYS A 6 5.75 -1.57 -4.54
N ILE A 7 6.88 -1.85 -3.89
CA ILE A 7 7.13 -1.32 -2.55
C ILE A 7 6.98 0.19 -2.55
N ALA A 8 7.59 0.84 -3.54
CA ALA A 8 7.53 2.29 -3.65
C ALA A 8 6.08 2.76 -3.66
N ARG A 9 5.24 2.06 -4.42
CA ARG A 9 3.83 2.40 -4.49
C ARG A 9 3.17 2.26 -3.11
N ILE A 10 3.43 1.14 -2.47
CA ILE A 10 2.87 0.85 -1.15
C ILE A 10 3.20 1.94 -0.13
N ASN A 11 4.50 2.12 0.16
CA ASN A 11 4.92 3.11 1.13
C ASN A 11 4.47 4.52 0.73
N GLU A 12 4.34 4.76 -0.58
CA GLU A 12 3.90 6.07 -1.05
C GLU A 12 2.51 6.39 -0.48
N LEU A 13 1.60 5.44 -0.62
CA LEU A 13 0.25 5.61 -0.11
C LEU A 13 0.26 5.81 1.40
N ALA A 14 0.93 4.90 2.10
CA ALA A 14 1.01 4.97 3.55
C ALA A 14 1.63 6.31 3.98
N ALA A 15 2.59 6.80 3.21
CA ALA A 15 3.26 8.07 3.52
C ALA A 15 2.24 9.19 3.58
N LYS A 16 1.31 9.18 2.62
CA LYS A 16 0.27 10.20 2.57
C LYS A 16 -0.57 10.11 3.84
N ALA A 17 -1.05 8.91 4.13
CA ALA A 17 -1.83 8.68 5.33
C ALA A 17 -1.02 9.08 6.57
N LYS A 18 0.30 9.20 6.38
CA LYS A 18 1.18 9.58 7.47
C LYS A 18 1.31 11.10 7.56
N ALA A 19 1.57 11.72 6.40
CA ALA A 19 1.71 13.16 6.34
C ALA A 19 0.37 13.86 6.54
N GLY A 20 -0.64 13.41 5.79
CA GLY A 20 -1.96 14.01 5.90
C GLY A 20 -2.75 13.42 7.07
N VAL A 21 -3.27 12.21 6.88
CA VAL A 21 -4.05 11.54 7.92
C VAL A 21 -4.59 10.20 7.43
N ILE A 22 -5.12 10.21 6.19
CA ILE A 22 -5.71 9.04 5.53
C ILE A 22 -7.18 9.29 5.23
N THR A 23 -7.75 8.43 4.37
CA THR A 23 -9.15 8.54 4.00
C THR A 23 -9.77 7.15 3.88
N GLU A 24 -11.09 7.07 4.08
CA GLU A 24 -11.80 5.79 4.00
C GLU A 24 -11.43 5.08 2.70
N GLU A 25 -11.35 5.84 1.60
CA GLU A 25 -11.01 5.28 0.31
C GLU A 25 -9.61 4.65 0.34
N GLU A 26 -8.65 5.40 0.85
CA GLU A 26 -7.26 4.92 0.94
C GLU A 26 -7.19 3.70 1.86
N LYS A 27 -7.94 3.74 2.94
CA LYS A 27 -7.95 2.64 3.91
C LYS A 27 -8.22 1.31 3.19
N ALA A 28 -9.28 1.28 2.38
CA ALA A 28 -9.63 0.08 1.65
C ALA A 28 -8.52 -0.32 0.68
N GLU A 29 -8.01 0.67 -0.05
CA GLU A 29 -6.95 0.43 -1.02
C GLU A 29 -5.73 -0.20 -0.35
N GLN A 30 -5.23 0.45 0.70
CA GLN A 30 -4.06 -0.05 1.42
C GLN A 30 -4.23 -1.53 1.74
N GLN A 31 -5.37 -1.88 2.33
CA GLN A 31 -5.64 -3.27 2.68
C GLN A 31 -5.59 -4.17 1.44
N LYS A 32 -6.10 -3.64 0.33
CA LYS A 32 -6.12 -4.38 -0.93
C LYS A 32 -4.70 -4.77 -1.35
N LEU A 33 -3.84 -3.78 -1.51
CA LEU A 33 -2.45 -4.03 -1.90
C LEU A 33 -1.78 -4.98 -0.92
N ARG A 34 -2.10 -4.83 0.37
CA ARG A 34 -1.52 -5.68 1.40
C ARG A 34 -1.98 -7.13 1.23
N GLN A 35 -3.24 -7.31 0.88
CA GLN A 35 -3.79 -8.65 0.68
C GLN A 35 -3.03 -9.35 -0.44
N GLU A 36 -2.90 -8.67 -1.58
CA GLU A 36 -2.19 -9.23 -2.73
C GLU A 36 -0.71 -9.42 -2.38
N TYR A 37 -0.15 -8.48 -1.63
CA TYR A 37 1.25 -8.54 -1.24
C TYR A 37 1.57 -9.88 -0.59
N LEU A 38 0.81 -10.24 0.44
CA LEU A 38 1.03 -11.50 1.14
C LEU A 38 0.86 -12.67 0.18
N LYS A 39 -0.11 -12.57 -0.72
CA LYS A 39 -0.37 -13.63 -1.69
C LYS A 39 0.82 -13.76 -2.64
N GLY A 40 1.47 -12.63 -2.95
CA GLY A 40 2.62 -12.63 -3.85
C GLY A 40 3.89 -13.03 -3.09
N PHE A 41 3.73 -13.39 -1.82
CA PHE A 41 4.86 -13.80 -0.99
C PHE A 41 4.37 -14.31 0.36
N ARG A 42 4.22 -15.62 0.48
CA ARG A 42 3.77 -16.24 1.72
C ARG A 42 4.95 -16.54 2.63
N MET A 1 11.97 -9.62 -8.29
CA MET A 1 10.49 -9.57 -8.36
C MET A 1 9.96 -8.56 -7.36
N ILE A 2 10.85 -7.71 -6.86
CA ILE A 2 10.48 -6.67 -5.89
C ILE A 2 10.93 -5.31 -6.39
N SER A 3 12.20 -5.22 -6.78
CA SER A 3 12.77 -3.97 -7.30
C SER A 3 12.42 -2.80 -6.38
N ASN A 4 12.10 -3.10 -5.13
CA ASN A 4 11.76 -2.07 -4.15
C ASN A 4 10.62 -1.19 -4.69
N ALA A 5 9.93 -1.69 -5.71
CA ALA A 5 8.83 -0.93 -6.32
C ALA A 5 7.57 -1.00 -5.44
N LYS A 6 7.38 -2.12 -4.77
CA LYS A 6 6.22 -2.28 -3.90
C LYS A 6 6.32 -1.35 -2.70
N ILE A 7 7.45 -1.43 -2.00
CA ILE A 7 7.68 -0.59 -0.84
C ILE A 7 7.53 0.89 -1.21
N ALA A 8 8.26 1.31 -2.25
CA ALA A 8 8.21 2.69 -2.70
C ALA A 8 6.77 3.14 -2.99
N ARG A 9 6.02 2.30 -3.67
CA ARG A 9 4.63 2.61 -4.01
C ARG A 9 3.81 2.83 -2.75
N ILE A 10 3.47 1.73 -2.07
CA ILE A 10 2.67 1.79 -0.86
C ILE A 10 3.23 2.82 0.13
N ASN A 11 4.56 2.91 0.22
CA ASN A 11 5.20 3.86 1.13
C ASN A 11 4.79 5.28 0.77
N GLU A 12 5.01 5.66 -0.48
CA GLU A 12 4.67 7.01 -0.93
C GLU A 12 3.19 7.30 -0.72
N LEU A 13 2.33 6.41 -1.21
CA LEU A 13 0.89 6.58 -1.07
C LEU A 13 0.50 6.64 0.41
N ALA A 14 0.90 5.61 1.17
CA ALA A 14 0.57 5.55 2.59
C ALA A 14 1.03 6.82 3.30
N ALA A 15 2.32 7.13 3.20
CA ALA A 15 2.88 8.33 3.83
C ALA A 15 2.22 9.60 3.27
N LYS A 16 1.95 9.59 1.98
CA LYS A 16 1.32 10.74 1.33
C LYS A 16 -0.05 10.98 1.95
N ALA A 17 -0.93 10.00 1.79
CA ALA A 17 -2.28 10.10 2.34
C ALA A 17 -2.21 10.33 3.85
N LYS A 18 -1.07 10.01 4.45
CA LYS A 18 -0.92 10.20 5.89
C LYS A 18 -0.72 11.68 6.21
N ALA A 19 0.38 12.24 5.73
CA ALA A 19 0.67 13.66 5.96
C ALA A 19 -0.25 14.54 5.12
N GLY A 20 -1.02 13.91 4.24
CA GLY A 20 -1.94 14.63 3.38
C GLY A 20 -3.37 14.54 3.92
N VAL A 21 -3.95 13.35 3.84
CA VAL A 21 -5.30 13.12 4.33
C VAL A 21 -5.66 11.64 4.23
N ILE A 22 -5.56 10.94 5.37
CA ILE A 22 -5.86 9.51 5.41
C ILE A 22 -7.32 9.27 5.77
N THR A 23 -7.94 8.34 5.06
CA THR A 23 -9.34 8.01 5.30
C THR A 23 -9.54 6.49 5.20
N GLU A 24 -10.64 6.01 5.77
CA GLU A 24 -10.94 4.58 5.73
C GLU A 24 -10.84 4.04 4.31
N GLU A 25 -11.23 4.88 3.35
CA GLU A 25 -11.18 4.50 1.94
C GLU A 25 -9.75 4.16 1.52
N GLU A 26 -8.81 5.03 1.89
CA GLU A 26 -7.42 4.83 1.54
C GLU A 26 -6.88 3.54 2.17
N LYS A 27 -7.06 3.42 3.49
CA LYS A 27 -6.60 2.24 4.21
C LYS A 27 -7.15 0.97 3.57
N ALA A 28 -8.39 1.04 3.10
CA ALA A 28 -9.01 -0.12 2.46
C ALA A 28 -8.22 -0.55 1.23
N GLU A 29 -7.90 0.42 0.37
CA GLU A 29 -7.14 0.16 -0.84
C GLU A 29 -5.79 -0.49 -0.49
N GLN A 30 -5.00 0.21 0.32
CA GLN A 30 -3.69 -0.30 0.72
C GLN A 30 -3.78 -1.73 1.23
N GLN A 31 -4.77 -1.99 2.08
CA GLN A 31 -4.97 -3.34 2.63
C GLN A 31 -5.15 -4.36 1.51
N LYS A 32 -5.85 -3.96 0.45
CA LYS A 32 -6.08 -4.86 -0.67
C LYS A 32 -4.76 -5.29 -1.30
N LEU A 33 -3.90 -4.32 -1.59
CA LEU A 33 -2.59 -4.61 -2.18
C LEU A 33 -1.80 -5.58 -1.32
N ARG A 34 -1.50 -5.15 -0.08
CA ARG A 34 -0.72 -5.98 0.84
C ARG A 34 -1.26 -7.41 0.87
N GLN A 35 -2.56 -7.55 1.09
CA GLN A 35 -3.20 -8.87 1.13
C GLN A 35 -3.05 -9.59 -0.21
N GLU A 36 -3.31 -8.86 -1.29
CA GLU A 36 -3.23 -9.43 -2.63
C GLU A 36 -1.78 -9.81 -2.97
N TYR A 37 -0.83 -8.97 -2.57
CA TYR A 37 0.58 -9.23 -2.83
C TYR A 37 1.00 -10.60 -2.28
N LEU A 38 0.85 -10.77 -0.96
CA LEU A 38 1.21 -12.02 -0.31
C LEU A 38 0.42 -13.19 -0.91
N LYS A 39 -0.86 -12.95 -1.18
CA LYS A 39 -1.73 -13.98 -1.75
C LYS A 39 -1.27 -14.33 -3.15
N GLY A 40 -1.08 -13.32 -3.98
CA GLY A 40 -0.66 -13.51 -5.36
C GLY A 40 0.48 -14.51 -5.44
N PHE A 41 1.65 -14.12 -4.95
CA PHE A 41 2.84 -14.97 -4.95
C PHE A 41 2.72 -16.10 -5.96
N ARG A 42 2.58 -15.72 -7.24
CA ARG A 42 2.44 -16.70 -8.31
C ARG A 42 3.08 -16.19 -9.60
N MET A 1 1.94 -5.52 -10.86
CA MET A 1 2.66 -6.35 -11.86
C MET A 1 4.15 -6.34 -11.55
N ILE A 2 4.82 -5.23 -11.88
CA ILE A 2 6.25 -5.11 -11.62
C ILE A 2 6.51 -4.90 -10.13
N SER A 3 7.71 -5.28 -9.69
CA SER A 3 8.08 -5.14 -8.28
C SER A 3 9.09 -4.01 -8.11
N ASN A 4 8.71 -2.80 -8.53
CA ASN A 4 9.60 -1.64 -8.43
C ASN A 4 8.79 -0.37 -8.16
N ALA A 5 8.44 0.34 -9.23
CA ALA A 5 7.66 1.58 -9.09
C ALA A 5 6.45 1.34 -8.20
N LYS A 6 6.00 0.09 -8.17
CA LYS A 6 4.85 -0.29 -7.37
C LYS A 6 5.20 -0.23 -5.88
N ILE A 7 6.33 -0.84 -5.51
CA ILE A 7 6.77 -0.84 -4.13
C ILE A 7 6.84 0.58 -3.60
N ALA A 8 7.49 1.46 -4.38
CA ALA A 8 7.62 2.86 -3.99
C ALA A 8 6.26 3.48 -3.74
N ARG A 9 5.29 3.11 -4.58
CA ARG A 9 3.93 3.64 -4.43
C ARG A 9 3.34 3.23 -3.10
N ILE A 10 2.94 1.96 -2.99
CA ILE A 10 2.34 1.46 -1.74
C ILE A 10 3.18 1.89 -0.54
N ASN A 11 4.50 1.81 -0.67
CA ASN A 11 5.41 2.19 0.41
C ASN A 11 5.21 3.66 0.78
N GLU A 12 5.54 4.55 -0.14
CA GLU A 12 5.40 5.99 0.09
C GLU A 12 3.95 6.36 0.37
N LEU A 13 3.02 5.78 -0.38
CA LEU A 13 1.59 6.06 -0.22
C LEU A 13 1.14 5.77 1.22
N ALA A 14 1.36 4.53 1.66
CA ALA A 14 0.97 4.11 3.01
C ALA A 14 1.53 5.08 4.05
N ALA A 15 2.83 5.32 3.99
CA ALA A 15 3.48 6.22 4.94
C ALA A 15 2.95 7.64 4.80
N LYS A 16 2.73 8.08 3.57
CA LYS A 16 2.23 9.42 3.31
C LYS A 16 0.83 9.59 3.87
N ALA A 17 -0.11 8.80 3.34
CA ALA A 17 -1.50 8.85 3.79
C ALA A 17 -1.57 8.62 5.30
N LYS A 18 -0.53 8.01 5.85
CA LYS A 18 -0.49 7.74 7.29
C LYS A 18 -0.21 9.02 8.07
N ALA A 19 1.00 9.54 7.93
CA ALA A 19 1.38 10.77 8.63
C ALA A 19 0.75 11.99 7.98
N GLY A 20 0.04 11.77 6.86
CA GLY A 20 -0.62 12.86 6.16
C GLY A 20 -2.12 12.88 6.47
N VAL A 21 -2.84 11.94 5.85
CA VAL A 21 -4.29 11.85 6.08
C VAL A 21 -4.89 10.75 5.20
N ILE A 22 -5.14 9.58 5.79
CA ILE A 22 -5.71 8.46 5.05
C ILE A 22 -7.23 8.44 5.23
N THR A 23 -7.95 8.19 4.14
CA THR A 23 -9.41 8.15 4.17
C THR A 23 -9.92 6.74 3.83
N GLU A 24 -11.23 6.53 4.01
CA GLU A 24 -11.84 5.23 3.72
C GLU A 24 -11.45 4.74 2.32
N GLU A 25 -11.50 5.64 1.34
CA GLU A 25 -11.15 5.31 -0.03
C GLU A 25 -9.71 4.80 -0.11
N GLU A 26 -8.79 5.59 0.41
CA GLU A 26 -7.38 5.23 0.40
C GLU A 26 -7.13 3.96 1.22
N LYS A 27 -7.60 3.97 2.47
CA LYS A 27 -7.42 2.82 3.35
C LYS A 27 -7.93 1.54 2.69
N ALA A 28 -9.15 1.61 2.15
CA ALA A 28 -9.75 0.44 1.50
C ALA A 28 -8.87 -0.05 0.35
N GLU A 29 -8.30 0.89 -0.40
CA GLU A 29 -7.43 0.55 -1.52
C GLU A 29 -6.24 -0.27 -1.04
N GLN A 30 -5.41 0.33 -0.21
CA GLN A 30 -4.22 -0.34 0.33
C GLN A 30 -4.58 -1.71 0.89
N GLN A 31 -5.82 -1.86 1.33
CA GLN A 31 -6.28 -3.13 1.90
C GLN A 31 -6.06 -4.29 0.93
N LYS A 32 -6.58 -4.15 -0.29
CA LYS A 32 -6.44 -5.20 -1.29
C LYS A 32 -4.97 -5.48 -1.59
N LEU A 33 -4.25 -4.48 -2.09
CA LEU A 33 -2.84 -4.65 -2.42
C LEU A 33 -2.05 -5.21 -1.24
N ARG A 34 -1.98 -4.45 -0.15
CA ARG A 34 -1.25 -4.88 1.05
C ARG A 34 -1.64 -6.31 1.43
N GLN A 35 -2.93 -6.62 1.36
CA GLN A 35 -3.41 -7.96 1.69
C GLN A 35 -2.78 -9.00 0.77
N GLU A 36 -3.02 -8.85 -0.53
CA GLU A 36 -2.49 -9.78 -1.51
C GLU A 36 -0.96 -9.75 -1.50
N TYR A 37 -0.40 -8.55 -1.32
CA TYR A 37 1.05 -8.40 -1.28
C TYR A 37 1.67 -9.28 -0.21
N LEU A 38 1.37 -9.00 1.05
CA LEU A 38 1.92 -9.80 2.16
C LEU A 38 1.49 -11.26 2.03
N LYS A 39 0.23 -11.47 1.69
CA LYS A 39 -0.31 -12.82 1.54
C LYS A 39 0.34 -13.56 0.36
N GLY A 40 0.83 -12.79 -0.62
CA GLY A 40 1.47 -13.40 -1.79
C GLY A 40 2.99 -13.35 -1.69
N PHE A 41 3.50 -12.20 -1.26
CA PHE A 41 4.95 -12.03 -1.10
C PHE A 41 5.48 -12.94 0.01
N ARG A 42 5.57 -14.23 -0.30
CA ARG A 42 6.04 -15.20 0.67
C ARG A 42 7.53 -14.99 0.97
N MET A 1 9.67 -10.21 -3.18
CA MET A 1 10.13 -10.62 -4.54
C MET A 1 10.64 -9.38 -5.29
N ILE A 2 9.94 -9.00 -6.37
CA ILE A 2 10.34 -7.84 -7.15
C ILE A 2 10.08 -6.55 -6.36
N SER A 3 10.76 -5.48 -6.76
CA SER A 3 10.61 -4.20 -6.08
C SER A 3 10.97 -3.06 -7.02
N ASN A 4 9.97 -2.30 -7.46
CA ASN A 4 10.17 -1.18 -8.36
C ASN A 4 9.08 -0.13 -8.16
N ALA A 5 8.80 0.64 -9.20
CA ALA A 5 7.77 1.69 -9.13
C ALA A 5 6.49 1.16 -8.48
N LYS A 6 6.32 -0.16 -8.52
CA LYS A 6 5.14 -0.78 -7.93
C LYS A 6 5.16 -0.66 -6.40
N ILE A 7 6.03 -1.45 -5.77
CA ILE A 7 6.14 -1.43 -4.31
C ILE A 7 6.42 -0.02 -3.81
N ALA A 8 7.26 0.72 -4.55
CA ALA A 8 7.61 2.09 -4.17
C ALA A 8 6.35 2.93 -4.03
N ARG A 9 5.45 2.80 -5.00
CA ARG A 9 4.20 3.55 -4.99
C ARG A 9 3.38 3.22 -3.75
N ILE A 10 2.87 1.99 -3.71
CA ILE A 10 2.05 1.54 -2.58
C ILE A 10 2.78 1.75 -1.25
N ASN A 11 4.10 1.57 -1.24
CA ASN A 11 4.88 1.76 -0.02
C ASN A 11 4.78 3.21 0.46
N GLU A 12 5.25 4.12 -0.37
CA GLU A 12 5.22 5.55 -0.04
C GLU A 12 3.79 5.99 0.25
N LEU A 13 2.86 5.62 -0.63
CA LEU A 13 1.46 5.99 -0.45
C LEU A 13 0.95 5.48 0.90
N ALA A 14 1.16 4.20 1.16
CA ALA A 14 0.72 3.59 2.42
C ALA A 14 1.28 4.37 3.61
N ALA A 15 2.60 4.50 3.65
CA ALA A 15 3.27 5.21 4.74
C ALA A 15 2.82 6.67 4.78
N LYS A 16 2.71 7.28 3.61
CA LYS A 16 2.29 8.67 3.49
C LYS A 16 0.87 8.84 3.99
N ALA A 17 -0.06 8.15 3.34
CA ALA A 17 -1.47 8.22 3.72
C ALA A 17 -1.63 7.81 5.18
N LYS A 18 -0.61 7.16 5.73
CA LYS A 18 -0.66 6.73 7.12
C LYS A 18 -0.26 7.88 8.05
N ALA A 19 1.01 8.28 7.97
CA ALA A 19 1.50 9.38 8.80
C ALA A 19 1.00 10.72 8.26
N GLY A 20 0.26 10.68 7.16
CA GLY A 20 -0.27 11.88 6.55
C GLY A 20 -1.75 12.08 6.89
N VAL A 21 -2.61 11.30 6.22
CA VAL A 21 -4.06 11.38 6.46
C VAL A 21 -4.75 10.12 5.94
N ILE A 22 -4.90 9.14 6.82
CA ILE A 22 -5.56 7.89 6.44
C ILE A 22 -7.07 8.05 6.51
N THR A 23 -7.75 7.68 5.43
CA THR A 23 -9.21 7.78 5.37
C THR A 23 -9.82 6.52 4.77
N GLU A 24 -11.08 6.27 5.13
CA GLU A 24 -11.79 5.09 4.65
C GLU A 24 -11.59 4.89 3.15
N GLU A 25 -11.62 5.99 2.41
CA GLU A 25 -11.44 5.94 0.96
C GLU A 25 -10.11 5.31 0.59
N GLU A 26 -9.04 5.88 1.12
CA GLU A 26 -7.70 5.35 0.84
C GLU A 26 -7.57 3.94 1.42
N LYS A 27 -8.16 3.73 2.60
CA LYS A 27 -8.12 2.43 3.26
C LYS A 27 -8.62 1.35 2.31
N ALA A 28 -9.72 1.64 1.61
CA ALA A 28 -10.28 0.69 0.66
C ALA A 28 -9.27 0.39 -0.43
N GLU A 29 -8.71 1.45 -1.02
CA GLU A 29 -7.72 1.30 -2.08
C GLU A 29 -6.52 0.50 -1.59
N GLN A 30 -5.77 1.09 -0.66
CA GLN A 30 -4.57 0.45 -0.10
C GLN A 30 -4.85 -0.98 0.37
N GLN A 31 -6.12 -1.30 0.62
CA GLN A 31 -6.48 -2.65 1.08
C GLN A 31 -6.00 -3.72 0.12
N LYS A 32 -6.23 -3.51 -1.18
CA LYS A 32 -5.84 -4.48 -2.20
C LYS A 32 -4.32 -4.68 -2.19
N LEU A 33 -3.59 -3.64 -2.57
CA LEU A 33 -2.13 -3.71 -2.61
C LEU A 33 -1.58 -4.23 -1.28
N ARG A 34 -2.20 -3.80 -0.19
CA ARG A 34 -1.77 -4.23 1.14
C ARG A 34 -1.94 -5.73 1.28
N GLN A 35 -3.09 -6.24 0.84
CA GLN A 35 -3.37 -7.67 0.91
C GLN A 35 -2.31 -8.45 0.13
N GLU A 36 -1.77 -7.83 -0.92
CA GLU A 36 -0.75 -8.47 -1.74
C GLU A 36 0.49 -8.73 -0.91
N TYR A 37 1.07 -7.65 -0.35
CA TYR A 37 2.26 -7.77 0.48
C TYR A 37 2.08 -8.82 1.58
N LEU A 38 1.01 -8.67 2.37
CA LEU A 38 0.75 -9.61 3.46
C LEU A 38 0.62 -11.03 2.94
N LYS A 39 -0.26 -11.25 1.97
CA LYS A 39 -0.45 -12.59 1.40
C LYS A 39 0.84 -13.05 0.71
N GLY A 40 1.76 -12.11 0.53
CA GLY A 40 3.04 -12.41 -0.10
C GLY A 40 4.10 -12.73 0.94
N PHE A 41 3.78 -12.45 2.20
CA PHE A 41 4.72 -12.71 3.29
C PHE A 41 5.10 -14.19 3.33
N ARG A 42 6.31 -14.48 3.79
CA ARG A 42 6.78 -15.86 3.86
C ARG A 42 5.96 -16.66 4.88
N MET A 1 14.94 -8.76 -3.56
CA MET A 1 14.68 -7.38 -4.08
C MET A 1 13.60 -7.45 -5.15
N ILE A 2 13.20 -6.29 -5.66
CA ILE A 2 12.17 -6.22 -6.69
C ILE A 2 12.48 -5.08 -7.67
N SER A 3 12.98 -3.97 -7.13
CA SER A 3 13.31 -2.80 -7.96
C SER A 3 12.07 -2.29 -8.69
N ASN A 4 10.94 -2.94 -8.42
CA ASN A 4 9.68 -2.56 -9.05
C ASN A 4 9.12 -1.28 -8.44
N ALA A 5 8.63 -0.39 -9.30
CA ALA A 5 8.04 0.87 -8.83
C ALA A 5 6.80 0.55 -7.99
N LYS A 6 6.42 -0.72 -7.97
CA LYS A 6 5.26 -1.17 -7.20
C LYS A 6 5.51 -0.96 -5.71
N ILE A 7 6.59 -1.54 -5.22
CA ILE A 7 6.93 -1.40 -3.80
C ILE A 7 7.06 0.07 -3.44
N ALA A 8 7.72 0.83 -4.30
CA ALA A 8 7.92 2.26 -4.08
C ALA A 8 6.57 2.96 -3.92
N ARG A 9 5.60 2.55 -4.73
CA ARG A 9 4.26 3.14 -4.67
C ARG A 9 3.63 2.89 -3.30
N ILE A 10 3.20 1.65 -3.07
CA ILE A 10 2.57 1.28 -1.80
C ILE A 10 3.38 1.82 -0.61
N ASN A 11 4.70 1.75 -0.73
CA ASN A 11 5.58 2.25 0.34
C ASN A 11 5.30 3.71 0.61
N GLU A 12 5.52 4.55 -0.41
CA GLU A 12 5.28 5.98 -0.27
C GLU A 12 3.82 6.28 0.06
N LEU A 13 2.92 5.60 -0.64
CA LEU A 13 1.48 5.79 -0.43
C LEU A 13 1.11 5.47 1.02
N ALA A 14 1.58 4.33 1.52
CA ALA A 14 1.29 3.92 2.89
C ALA A 14 1.67 5.02 3.88
N ALA A 15 2.95 5.36 3.91
CA ALA A 15 3.43 6.39 4.83
C ALA A 15 2.76 7.74 4.56
N LYS A 16 2.50 8.03 3.29
CA LYS A 16 1.85 9.28 2.91
C LYS A 16 0.45 9.35 3.50
N ALA A 17 -0.42 8.47 3.01
CA ALA A 17 -1.79 8.44 3.49
C ALA A 17 -1.85 8.19 4.98
N LYS A 18 -0.76 7.65 5.54
CA LYS A 18 -0.72 7.38 6.98
C LYS A 18 -0.28 8.61 7.77
N ALA A 19 0.96 9.02 7.57
CA ALA A 19 1.49 10.18 8.29
C ALA A 19 0.92 11.49 7.74
N GLY A 20 0.12 11.39 6.67
CA GLY A 20 -0.48 12.58 6.09
C GLY A 20 -1.93 12.76 6.52
N VAL A 21 -2.81 11.95 5.93
CA VAL A 21 -4.25 12.01 6.26
C VAL A 21 -4.94 10.76 5.73
N ILE A 22 -5.00 9.71 6.56
CA ILE A 22 -5.64 8.47 6.16
C ILE A 22 -7.15 8.66 6.01
N THR A 23 -7.66 8.34 4.82
CA THR A 23 -9.09 8.48 4.53
C THR A 23 -9.74 7.11 4.35
N GLU A 24 -11.01 7.01 4.72
CA GLU A 24 -11.75 5.76 4.58
C GLU A 24 -11.60 5.21 3.16
N GLU A 25 -11.68 6.11 2.18
CA GLU A 25 -11.54 5.72 0.78
C GLU A 25 -10.18 5.06 0.53
N GLU A 26 -9.12 5.73 0.98
CA GLU A 26 -7.77 5.20 0.81
C GLU A 26 -7.63 3.87 1.57
N LYS A 27 -8.25 3.80 2.73
CA LYS A 27 -8.21 2.58 3.56
C LYS A 27 -8.66 1.38 2.73
N ALA A 28 -9.76 1.56 1.99
CA ALA A 28 -10.28 0.50 1.15
C ALA A 28 -9.26 0.10 0.09
N GLU A 29 -8.64 1.11 -0.52
CA GLU A 29 -7.62 0.86 -1.55
C GLU A 29 -6.50 0.00 -0.99
N GLN A 30 -5.80 0.53 0.01
CA GLN A 30 -4.68 -0.17 0.63
C GLN A 30 -5.07 -1.59 1.03
N GLN A 31 -6.37 -1.81 1.27
CA GLN A 31 -6.85 -3.12 1.69
C GLN A 31 -6.43 -4.20 0.67
N LYS A 32 -6.78 -3.99 -0.59
CA LYS A 32 -6.44 -4.95 -1.64
C LYS A 32 -4.93 -5.12 -1.76
N LEU A 33 -4.24 -4.00 -2.00
CA LEU A 33 -2.78 -4.03 -2.15
C LEU A 33 -2.12 -4.68 -0.94
N ARG A 34 -2.52 -4.24 0.27
CA ARG A 34 -1.95 -4.79 1.49
C ARG A 34 -2.20 -6.29 1.58
N GLN A 35 -3.42 -6.70 1.20
CA GLN A 35 -3.78 -8.11 1.23
C GLN A 35 -2.88 -8.91 0.30
N GLU A 36 -2.74 -8.42 -0.93
CA GLU A 36 -1.90 -9.08 -1.93
C GLU A 36 -0.44 -9.04 -1.50
N TYR A 37 0.00 -7.86 -1.04
CA TYR A 37 1.37 -7.67 -0.59
C TYR A 37 1.74 -8.72 0.45
N LEU A 38 0.89 -8.87 1.46
CA LEU A 38 1.13 -9.85 2.52
C LEU A 38 1.31 -11.24 1.93
N LYS A 39 0.44 -11.58 0.98
CA LYS A 39 0.51 -12.89 0.32
C LYS A 39 1.78 -12.98 -0.51
N GLY A 40 2.18 -11.86 -1.10
CA GLY A 40 3.39 -11.81 -1.92
C GLY A 40 4.64 -11.67 -1.06
N PHE A 41 4.46 -11.74 0.26
CA PHE A 41 5.58 -11.62 1.18
C PHE A 41 6.59 -12.75 0.97
N ARG A 42 6.23 -13.74 0.16
CA ARG A 42 7.11 -14.86 -0.12
C ARG A 42 6.87 -15.41 -1.53
#